data_2Q2C
#
_entry.id   2Q2C
#
_cell.length_a   67.070
_cell.length_b   102.200
_cell.length_c   70.535
_cell.angle_alpha   90.00
_cell.angle_beta   95.36
_cell.angle_gamma   90.00
#
_symmetry.space_group_name_H-M   'P 1 21 1'
#
loop_
_entity.id
_entity.type
_entity.pdbx_description
1 polymer ArtJ
2 non-polymer 'SULFATE ION'
3 non-polymer HISTIDINE
4 non-polymer GLYCEROL
5 water water
#
_entity_poly.entity_id   1
_entity_poly.type   'polypeptide(L)'
_entity_poly.pdbx_seq_one_letter_code
;MGSSHHHHHHSSGLVPRGSHMGGGRSTETSSSSGGDGGATKKKVVVGTDAAFAPFEYMQKGKIVGFDVDLLDAVMKAAGL
DYELKNIGWDPLFASLQSKEVDMGISGITITDERKQSYDFSDPYFEATQVILVKQGSPVKNALDLKGKTIGVQNATTGQE
AAEKLFGKGPHIKKFETTVVAIMELLNGGVDAVITDNAVANEYVKNNPNKKLQVIEDPKNFASEYYGMIFPKNSELKAKV
DEALKNVINSGKYTEIYKKWFGKEPKLDRLKQ
;
_entity_poly.pdbx_strand_id   A,B,C,D
#
loop_
_chem_comp.id
_chem_comp.type
_chem_comp.name
_chem_comp.formula
GOL non-polymer GLYCEROL 'C3 H8 O3'
SO4 non-polymer 'SULFATE ION' 'O4 S -2'
#
# COMPACT_ATOMS: atom_id res chain seq x y z
N LYS A 42 43.86 2.65 -1.90
CA LYS A 42 43.18 1.33 -1.71
C LYS A 42 42.90 1.07 -0.23
N LYS A 43 41.63 0.89 0.09
CA LYS A 43 41.20 0.69 1.48
C LYS A 43 41.13 -0.80 1.81
N VAL A 44 41.35 -1.12 3.08
CA VAL A 44 41.25 -2.50 3.56
C VAL A 44 39.79 -2.92 3.60
N VAL A 45 39.49 -4.06 2.98
CA VAL A 45 38.13 -4.59 2.96
C VAL A 45 37.91 -5.48 4.18
N VAL A 46 37.14 -5.00 5.14
CA VAL A 46 36.81 -5.76 6.34
C VAL A 46 35.37 -6.28 6.27
N GLY A 47 35.21 -7.59 6.45
CA GLY A 47 33.90 -8.21 6.43
C GLY A 47 33.40 -8.58 7.81
N THR A 48 32.08 -8.49 8.00
CA THR A 48 31.44 -8.91 9.24
C THR A 48 30.01 -9.37 8.98
N ASP A 49 29.51 -10.27 9.84
CA ASP A 49 28.11 -10.65 9.81
C ASP A 49 27.38 -9.92 10.95
N ALA A 50 26.80 -8.78 10.61
CA ALA A 50 26.17 -7.91 11.60
C ALA A 50 24.81 -8.42 12.08
N ALA A 51 24.83 -9.61 12.66
CA ALA A 51 23.66 -10.22 13.27
C ALA A 51 24.14 -11.02 14.48
N PHE A 52 24.99 -10.38 15.28
CA PHE A 52 25.66 -11.03 16.40
C PHE A 52 25.92 -10.02 17.52
N ALA A 53 24.85 -9.39 18.01
CA ALA A 53 24.92 -8.44 19.12
C ALA A 53 25.41 -9.13 20.39
N PRO A 54 26.22 -8.44 21.21
CA PRO A 54 26.61 -7.03 21.13
C PRO A 54 27.83 -6.72 20.25
N PHE A 55 28.38 -7.72 19.59
CA PHE A 55 29.64 -7.56 18.84
C PHE A 55 29.47 -6.83 17.50
N GLU A 56 28.46 -7.22 16.74
CA GLU A 56 28.10 -6.53 15.49
C GLU A 56 26.62 -6.73 15.15
N TYR A 57 25.92 -5.62 14.92
CA TYR A 57 24.51 -5.66 14.54
C TYR A 57 24.03 -4.37 13.91
N MET A 58 22.88 -4.45 13.24
CA MET A 58 22.28 -3.29 12.58
C MET A 58 21.42 -2.50 13.57
N GLN A 59 21.70 -1.20 13.65
CA GLN A 59 20.91 -0.28 14.47
C GLN A 59 20.68 0.99 13.66
N LYS A 60 19.43 1.17 13.21
CA LYS A 60 19.03 2.30 12.36
C LYS A 60 19.80 2.35 11.04
N GLY A 61 20.04 1.17 10.46
CA GLY A 61 20.71 1.06 9.17
C GLY A 61 22.23 1.11 9.23
N LYS A 62 22.77 1.26 10.43
CA LYS A 62 24.20 1.34 10.65
C LYS A 62 24.72 0.12 11.41
N ILE A 63 25.94 -0.31 11.06
CA ILE A 63 26.59 -1.42 11.76
C ILE A 63 27.25 -0.89 13.04
N VAL A 64 26.75 -1.37 14.18
CA VAL A 64 27.29 -0.98 15.49
C VAL A 64 27.73 -2.23 16.28
N GLY A 65 28.49 -2.01 17.35
CA GLY A 65 28.91 -3.11 18.22
C GLY A 65 30.32 -3.01 18.77
N PHE A 66 30.66 -3.93 19.66
CA PHE A 66 31.98 -4.00 20.29
C PHE A 66 33.08 -4.22 19.25
N ASP A 67 32.84 -5.16 18.33
CA ASP A 67 33.79 -5.46 17.24
C ASP A 67 33.94 -4.28 16.30
N VAL A 68 32.84 -3.56 16.08
CA VAL A 68 32.83 -2.37 15.23
C VAL A 68 33.69 -1.27 15.83
N ASP A 69 33.52 -1.04 17.14
CA ASP A 69 34.27 0.00 17.86
C ASP A 69 35.74 -0.38 18.04
N LEU A 70 36.00 -1.65 18.33
CA LEU A 70 37.37 -2.15 18.46
C LEU A 70 38.13 -2.09 17.14
N LEU A 71 37.47 -2.52 16.05
CA LEU A 71 38.04 -2.45 14.71
C LEU A 71 38.47 -1.03 14.36
N ASP A 72 37.57 -0.07 14.59
CA ASP A 72 37.87 1.35 14.36
C ASP A 72 39.11 1.79 15.13
N ALA A 73 39.20 1.37 16.39
CA ALA A 73 40.34 1.69 17.24
C ALA A 73 41.63 1.05 16.72
N VAL A 74 41.54 -0.24 16.37
CA VAL A 74 42.69 -1.00 15.86
C VAL A 74 43.22 -0.44 14.53
N MET A 75 42.33 -0.27 13.57
CA MET A 75 42.70 0.19 12.23
C MET A 75 43.33 1.59 12.21
N LYS A 76 42.80 2.49 13.04
CA LYS A 76 43.34 3.85 13.15
C LYS A 76 44.70 3.85 13.84
N ALA A 77 44.90 2.90 14.75
CA ALA A 77 46.19 2.71 15.41
C ALA A 77 47.21 2.05 14.48
N ALA A 78 46.72 1.29 13.50
CA ALA A 78 47.56 0.64 12.50
C ALA A 78 47.76 1.52 11.27
N GLY A 79 47.05 2.64 11.21
CA GLY A 79 47.16 3.60 10.11
C GLY A 79 46.58 3.09 8.80
N LEU A 80 45.50 2.31 8.89
CA LEU A 80 44.91 1.67 7.72
C LEU A 80 43.48 2.13 7.48
N ASP A 81 43.28 2.84 6.36
CA ASP A 81 41.94 3.19 5.89
C ASP A 81 41.22 1.90 5.53
N TYR A 82 39.98 1.78 6.00
CA TYR A 82 39.23 0.54 5.82
C TYR A 82 37.78 0.76 5.43
N GLU A 83 37.16 -0.30 4.93
CA GLU A 83 35.74 -0.33 4.65
C GLU A 83 35.15 -1.52 5.37
N LEU A 84 34.09 -1.30 6.13
CA LEU A 84 33.40 -2.40 6.80
C LEU A 84 32.20 -2.88 5.99
N LYS A 85 32.24 -4.15 5.59
CA LYS A 85 31.15 -4.76 4.84
C LYS A 85 30.36 -5.77 5.67
N ASN A 86 29.04 -5.64 5.62
CA ASN A 86 28.14 -6.65 6.13
C ASN A 86 27.89 -7.66 5.01
N ILE A 87 28.48 -8.84 5.13
CA ILE A 87 28.50 -9.80 4.01
C ILE A 87 27.78 -11.14 4.27
N GLY A 88 27.73 -11.56 5.53
CA GLY A 88 27.12 -12.83 5.89
C GLY A 88 28.18 -13.79 6.40
N TRP A 89 27.76 -14.78 7.17
CA TRP A 89 28.68 -15.67 7.87
C TRP A 89 29.44 -16.59 6.92
N ASP A 90 28.71 -17.35 6.10
CA ASP A 90 29.30 -18.28 5.14
C ASP A 90 29.94 -17.59 3.93
N PRO A 91 29.33 -16.50 3.42
CA PRO A 91 30.03 -15.70 2.40
C PRO A 91 31.37 -15.14 2.89
N LEU A 92 31.39 -14.66 4.13
CA LEU A 92 32.60 -14.06 4.72
C LEU A 92 33.79 -15.00 4.71
N PHE A 93 33.59 -16.24 5.17
CA PHE A 93 34.65 -17.24 5.19
C PHE A 93 35.09 -17.65 3.78
N ALA A 94 34.13 -17.69 2.85
CA ALA A 94 34.42 -17.94 1.44
C ALA A 94 35.25 -16.80 0.84
N SER A 95 34.84 -15.56 1.15
CA SER A 95 35.51 -14.36 0.67
C SER A 95 36.93 -14.19 1.20
N LEU A 96 37.17 -14.69 2.41
CA LEU A 96 38.50 -14.65 3.02
C LEU A 96 39.43 -15.66 2.37
N GLN A 97 38.90 -16.82 2.00
CA GLN A 97 39.68 -17.84 1.30
C GLN A 97 40.06 -17.36 -0.12
N SER A 98 39.13 -16.66 -0.78
CA SER A 98 39.39 -16.10 -2.11
C SER A 98 40.20 -14.80 -2.07
N LYS A 99 40.35 -14.24 -0.85
CA LYS A 99 41.09 -12.99 -0.60
C LYS A 99 40.36 -11.73 -1.09
N GLU A 100 39.10 -11.87 -1.49
CA GLU A 100 38.25 -10.74 -1.88
C GLU A 100 37.98 -9.83 -0.69
N VAL A 101 38.00 -10.44 0.50
CA VAL A 101 37.95 -9.72 1.76
C VAL A 101 39.32 -9.88 2.43
N ASP A 102 39.88 -8.75 2.87
CA ASP A 102 41.24 -8.72 3.43
C ASP A 102 41.28 -9.06 4.91
N MET A 103 40.18 -8.79 5.59
CA MET A 103 40.14 -8.87 7.04
C MET A 103 38.73 -9.20 7.52
N GLY A 104 38.64 -9.82 8.69
CA GLY A 104 37.36 -10.15 9.30
C GLY A 104 37.35 -9.91 10.79
N ILE A 105 36.26 -9.32 11.26
CA ILE A 105 35.99 -9.24 12.69
C ILE A 105 34.49 -9.53 12.88
N SER A 106 34.18 -10.72 13.34
CA SER A 106 32.79 -11.18 13.40
C SER A 106 32.55 -12.07 14.63
N GLY A 107 33.19 -11.71 15.74
CA GLY A 107 33.16 -12.53 16.95
C GLY A 107 33.67 -13.94 16.69
N ILE A 108 34.71 -14.04 15.85
CA ILE A 108 35.18 -15.33 15.35
C ILE A 108 36.12 -15.98 16.34
N THR A 109 35.77 -17.21 16.75
CA THR A 109 36.59 -17.97 17.68
C THR A 109 37.82 -18.52 16.97
N ILE A 110 38.98 -18.35 17.61
CA ILE A 110 40.23 -18.95 17.14
C ILE A 110 40.17 -20.46 17.37
N THR A 111 40.32 -21.23 16.29
CA THR A 111 40.41 -22.68 16.36
C THR A 111 41.48 -23.17 15.40
N ASP A 112 42.04 -24.34 15.68
CA ASP A 112 43.05 -24.96 14.81
C ASP A 112 42.46 -25.41 13.48
N GLU A 113 41.15 -25.70 13.47
CA GLU A 113 40.42 -26.08 12.26
C GLU A 113 40.29 -24.90 11.28
N ARG A 114 40.19 -23.70 11.81
CA ARG A 114 40.13 -22.48 11.00
C ARG A 114 41.52 -21.99 10.62
N LYS A 115 42.52 -22.40 11.41
CA LYS A 115 43.92 -22.07 11.14
C LYS A 115 44.46 -22.75 9.89
N GLN A 116 43.71 -23.73 9.38
CA GLN A 116 44.03 -24.45 8.15
C GLN A 116 44.08 -23.50 6.95
N SER A 117 43.10 -22.62 6.88
CA SER A 117 42.92 -21.74 5.72
C SER A 117 43.22 -20.29 6.05
N TYR A 118 43.09 -19.93 7.32
CA TYR A 118 43.16 -18.55 7.74
C TYR A 118 44.20 -18.29 8.83
N ASP A 119 44.63 -17.03 8.93
CA ASP A 119 45.45 -16.56 10.03
C ASP A 119 44.61 -15.76 11.01
N PHE A 120 45.02 -15.76 12.28
CA PHE A 120 44.33 -15.03 13.33
C PHE A 120 45.23 -14.03 14.03
N SER A 121 44.62 -12.95 14.50
CA SER A 121 45.33 -11.96 15.30
C SER A 121 45.47 -12.50 16.73
N ASP A 122 46.21 -11.79 17.57
CA ASP A 122 46.23 -12.09 19.00
C ASP A 122 44.80 -11.97 19.53
N PRO A 123 44.42 -12.86 20.47
CA PRO A 123 43.04 -12.83 20.99
C PRO A 123 42.67 -11.47 21.58
N TYR A 124 41.40 -11.08 21.42
CA TYR A 124 40.90 -9.82 21.96
C TYR A 124 39.67 -10.02 22.84
N PHE A 125 39.24 -11.26 23.01
CA PHE A 125 38.04 -11.55 23.80
C PHE A 125 38.01 -13.02 24.19
N GLU A 126 37.54 -13.30 25.40
CA GLU A 126 37.29 -14.68 25.82
C GLU A 126 35.79 -14.95 25.87
N ALA A 127 35.40 -16.10 25.33
CA ALA A 127 34.02 -16.53 25.35
C ALA A 127 33.90 -18.00 25.75
N THR A 128 32.66 -18.49 25.74
CA THR A 128 32.35 -19.90 25.92
C THR A 128 30.96 -20.15 25.35
N GLN A 129 30.71 -21.38 24.91
CA GLN A 129 29.37 -21.77 24.48
C GLN A 129 28.45 -21.91 25.69
N VAL A 130 27.22 -21.46 25.53
CA VAL A 130 26.18 -21.66 26.52
C VAL A 130 24.98 -22.32 25.85
N ILE A 131 23.99 -22.70 26.66
CA ILE A 131 22.74 -23.23 26.14
C ILE A 131 21.63 -22.23 26.40
N LEU A 132 20.99 -21.76 25.32
CA LEU A 132 19.85 -20.86 25.42
C LEU A 132 18.56 -21.65 25.28
N VAL A 133 17.62 -21.42 26.20
CA VAL A 133 16.34 -22.12 26.25
C VAL A 133 15.22 -21.19 26.71
N LYS A 134 13.98 -21.63 26.53
CA LYS A 134 12.82 -20.99 27.15
C LYS A 134 12.90 -21.25 28.66
N GLN A 135 12.49 -20.27 29.47
CA GLN A 135 12.61 -20.38 30.93
C GLN A 135 11.97 -21.64 31.55
N GLY A 136 10.94 -22.17 30.91
CA GLY A 136 10.29 -23.39 31.36
C GLY A 136 10.95 -24.70 30.94
N SER A 137 12.16 -24.60 30.37
CA SER A 137 12.90 -25.77 29.89
C SER A 137 13.40 -26.65 31.04
N PRO A 138 13.39 -27.99 30.85
CA PRO A 138 13.95 -28.90 31.84
C PRO A 138 15.48 -28.98 31.80
N VAL A 139 16.10 -28.34 30.82
CA VAL A 139 17.55 -28.42 30.59
C VAL A 139 18.35 -27.77 31.71
N LYS A 140 19.22 -28.57 32.33
CA LYS A 140 20.08 -28.11 33.43
C LYS A 140 21.55 -28.15 32.99
N ASN A 141 21.83 -28.96 31.98
CA ASN A 141 23.17 -29.14 31.44
C ASN A 141 23.10 -29.64 29.99
N ALA A 142 24.26 -29.70 29.34
CA ALA A 142 24.33 -30.07 27.92
C ALA A 142 23.90 -31.51 27.63
N LEU A 143 24.05 -32.40 28.60
CA LEU A 143 23.68 -33.80 28.43
C LEU A 143 22.16 -34.00 28.43
N ASP A 144 21.44 -33.04 29.02
CA ASP A 144 19.96 -33.02 28.97
C ASP A 144 19.42 -32.70 27.58
N LEU A 145 20.31 -32.32 26.67
CA LEU A 145 19.93 -31.98 25.30
C LEU A 145 19.78 -33.20 24.39
N LYS A 146 20.19 -34.36 24.88
CA LYS A 146 20.07 -35.63 24.15
C LYS A 146 18.62 -35.89 23.72
N GLY A 147 18.45 -36.29 22.46
CA GLY A 147 17.13 -36.57 21.91
C GLY A 147 16.33 -35.33 21.53
N LYS A 148 16.82 -34.18 21.97
CA LYS A 148 16.16 -32.89 21.70
C LYS A 148 16.75 -32.26 20.45
N THR A 149 16.07 -31.23 19.93
CA THR A 149 16.53 -30.54 18.72
C THR A 149 17.27 -29.26 19.09
N ILE A 150 18.48 -29.12 18.56
CA ILE A 150 19.37 -28.01 18.88
C ILE A 150 19.57 -27.10 17.68
N GLY A 151 19.22 -25.82 17.84
CA GLY A 151 19.44 -24.82 16.82
C GLY A 151 20.78 -24.14 16.94
N VAL A 152 21.63 -24.31 15.93
CA VAL A 152 22.94 -23.67 15.89
C VAL A 152 23.09 -22.86 14.60
N GLN A 153 23.92 -21.83 14.64
CA GLN A 153 24.36 -21.17 13.40
C GLN A 153 25.37 -22.09 12.70
N ASN A 154 25.24 -22.18 11.38
CA ASN A 154 26.10 -23.02 10.57
C ASN A 154 27.59 -22.66 10.70
N ALA A 155 28.43 -23.70 10.70
CA ALA A 155 29.90 -23.57 10.72
C ALA A 155 30.39 -22.66 11.85
N THR A 156 29.97 -22.97 13.07
CA THR A 156 30.41 -22.26 14.27
C THR A 156 30.89 -23.26 15.31
N THR A 157 31.48 -22.73 16.39
CA THR A 157 31.95 -23.55 17.50
C THR A 157 30.79 -24.12 18.31
N GLY A 158 29.64 -23.45 18.25
CA GLY A 158 28.40 -23.94 18.85
C GLY A 158 27.86 -25.17 18.14
N GLN A 159 28.01 -25.19 16.81
CA GLN A 159 27.65 -26.36 16.01
C GLN A 159 28.57 -27.52 16.32
N GLU A 160 29.87 -27.22 16.36
CA GLU A 160 30.91 -28.18 16.67
C GLU A 160 30.68 -28.84 18.04
N ALA A 161 30.33 -28.03 19.02
CA ALA A 161 30.06 -28.50 20.38
C ALA A 161 28.85 -29.43 20.43
N ALA A 162 27.80 -29.07 19.70
CA ALA A 162 26.58 -29.88 19.62
C ALA A 162 26.84 -31.21 18.91
N GLU A 163 27.69 -31.17 17.88
CA GLU A 163 28.06 -32.37 17.11
C GLU A 163 29.07 -33.24 17.86
N LYS A 164 29.80 -32.64 18.80
CA LYS A 164 30.76 -33.36 19.63
C LYS A 164 30.05 -34.28 20.62
N LEU A 165 28.89 -33.84 21.10
CA LEU A 165 28.16 -34.55 22.15
C LEU A 165 27.25 -35.65 21.61
N PHE A 166 26.51 -35.35 20.55
CA PHE A 166 25.47 -36.24 20.06
C PHE A 166 25.68 -36.68 18.61
N GLY A 167 26.87 -36.38 18.07
CA GLY A 167 27.20 -36.70 16.69
C GLY A 167 26.43 -35.86 15.70
N LYS A 168 26.67 -36.09 14.42
CA LYS A 168 25.96 -35.40 13.36
C LYS A 168 24.62 -36.10 13.11
N GLY A 169 23.57 -35.32 12.92
CA GLY A 169 22.24 -35.88 12.74
C GLY A 169 21.14 -34.84 12.52
N PRO A 170 19.88 -35.31 12.37
CA PRO A 170 18.71 -34.49 12.05
C PRO A 170 18.39 -33.41 13.09
N HIS A 171 18.45 -33.73 14.38
CA HIS A 171 18.06 -32.75 15.40
C HIS A 171 19.14 -31.71 15.73
N ILE A 172 20.09 -31.52 14.81
CA ILE A 172 20.97 -30.36 14.86
C ILE A 172 20.60 -29.48 13.68
N LYS A 173 19.92 -28.37 13.97
CA LYS A 173 19.38 -27.49 12.95
C LYS A 173 20.31 -26.29 12.74
N LYS A 174 20.88 -26.20 11.54
CA LYS A 174 21.84 -25.16 11.21
C LYS A 174 21.16 -23.99 10.50
N PHE A 175 21.47 -22.78 10.96
CA PHE A 175 20.91 -21.57 10.36
C PHE A 175 22.02 -20.60 10.00
N GLU A 176 21.74 -19.69 9.06
CA GLU A 176 22.73 -18.76 8.57
C GLU A 176 23.14 -17.73 9.62
N THR A 177 22.18 -17.30 10.43
CA THR A 177 22.46 -16.39 11.55
C THR A 177 22.02 -16.98 12.88
N THR A 178 22.64 -16.51 13.95
CA THR A 178 22.26 -16.86 15.31
C THR A 178 20.87 -16.28 15.63
N VAL A 179 20.59 -15.12 15.05
CA VAL A 179 19.28 -14.45 15.19
C VAL A 179 18.13 -15.39 14.80
N VAL A 180 18.29 -16.09 13.68
CA VAL A 180 17.28 -17.04 13.19
C VAL A 180 17.20 -18.30 14.05
N ALA A 181 18.36 -18.76 14.54
CA ALA A 181 18.42 -19.90 15.45
C ALA A 181 17.61 -19.63 16.72
N ILE A 182 17.78 -18.43 17.28
CA ILE A 182 17.03 -18.00 18.47
C ILE A 182 15.54 -17.86 18.14
N MET A 183 15.23 -17.47 16.90
CA MET A 183 13.85 -17.36 16.44
C MET A 183 13.16 -18.72 16.30
N GLU A 184 13.93 -19.74 15.95
CA GLU A 184 13.43 -21.12 15.91
C GLU A 184 13.22 -21.68 17.33
N LEU A 185 13.87 -21.07 18.32
CA LEU A 185 13.70 -21.43 19.72
C LEU A 185 12.42 -20.82 20.28
N LEU A 186 12.16 -19.55 19.93
CA LEU A 186 10.97 -18.84 20.39
C LEU A 186 9.68 -19.48 19.87
N ASN A 187 9.70 -19.95 18.63
CA ASN A 187 8.50 -20.54 18.02
C ASN A 187 8.39 -22.05 18.25
N GLY A 188 9.38 -22.64 18.91
CA GLY A 188 9.36 -24.06 19.25
C GLY A 188 9.98 -25.01 18.23
N GLY A 189 10.52 -24.45 17.15
CA GLY A 189 11.17 -25.24 16.09
C GLY A 189 12.35 -26.01 16.61
N VAL A 190 13.06 -25.41 17.58
CA VAL A 190 14.15 -26.08 18.29
C VAL A 190 13.94 -26.01 19.80
N ASP A 191 14.52 -26.97 20.53
CA ASP A 191 14.36 -27.07 21.97
C ASP A 191 15.39 -26.24 22.72
N ALA A 192 16.52 -25.99 22.05
CA ALA A 192 17.64 -25.27 22.64
C ALA A 192 18.51 -24.66 21.57
N VAL A 193 19.21 -23.59 21.92
CA VAL A 193 20.20 -22.97 21.05
C VAL A 193 21.55 -22.98 21.76
N ILE A 194 22.59 -23.41 21.04
CA ILE A 194 23.96 -23.29 21.55
C ILE A 194 24.67 -22.15 20.81
N THR A 195 24.97 -21.09 21.54
CA THR A 195 25.71 -19.96 20.99
C THR A 195 26.66 -19.37 22.03
N ASP A 196 27.43 -18.37 21.60
CA ASP A 196 28.38 -17.67 22.48
C ASP A 196 27.68 -16.99 23.65
N ASN A 197 28.37 -16.97 24.80
CA ASN A 197 27.77 -16.55 26.07
C ASN A 197 27.30 -15.09 26.13
N ALA A 198 28.13 -14.18 25.62
CA ALA A 198 27.82 -12.75 25.68
C ALA A 198 26.67 -12.35 24.76
N VAL A 199 26.49 -13.12 23.69
CA VAL A 199 25.38 -12.93 22.75
C VAL A 199 24.07 -13.40 23.40
N ALA A 200 24.11 -14.57 24.01
CA ALA A 200 22.96 -15.14 24.70
C ALA A 200 22.54 -14.28 25.89
N ASN A 201 23.54 -13.84 26.67
CA ASN A 201 23.31 -12.93 27.80
C ASN A 201 22.75 -11.59 27.37
N GLU A 202 23.18 -11.11 26.20
CA GLU A 202 22.70 -9.86 25.61
C GLU A 202 21.23 -9.97 25.18
N TYR A 203 20.86 -11.11 24.60
CA TYR A 203 19.50 -11.34 24.15
C TYR A 203 18.53 -11.48 25.32
N VAL A 204 18.95 -12.18 26.37
CA VAL A 204 18.16 -12.33 27.60
C VAL A 204 17.95 -10.97 28.27
N LYS A 205 19.02 -10.18 28.33
CA LYS A 205 18.99 -8.84 28.92
C LYS A 205 18.08 -7.91 28.11
N ASN A 206 18.26 -7.90 26.78
CA ASN A 206 17.50 -7.02 25.89
C ASN A 206 16.04 -7.43 25.70
N ASN A 207 15.75 -8.71 25.85
CA ASN A 207 14.41 -9.24 25.60
C ASN A 207 13.81 -10.06 26.76
N PRO A 208 13.46 -9.39 27.87
CA PRO A 208 12.89 -10.10 29.03
C PRO A 208 11.51 -10.68 28.78
N ASN A 209 10.76 -10.09 27.84
CA ASN A 209 9.41 -10.54 27.51
C ASN A 209 9.37 -11.85 26.70
N LYS A 210 10.53 -12.28 26.22
CA LYS A 210 10.65 -13.56 25.54
C LYS A 210 10.79 -14.70 26.55
N LYS A 211 11.17 -14.34 27.78
CA LYS A 211 11.31 -15.28 28.91
C LYS A 211 12.26 -16.43 28.56
N LEU A 212 13.47 -16.09 28.16
CA LEU A 212 14.52 -17.06 27.89
C LEU A 212 15.54 -17.09 29.02
N GLN A 213 16.21 -18.23 29.19
CA GLN A 213 17.29 -18.34 30.18
C GLN A 213 18.57 -18.92 29.57
N VAL A 214 19.70 -18.48 30.11
CA VAL A 214 21.01 -18.98 29.72
C VAL A 214 21.43 -20.09 30.68
N ILE A 215 21.67 -21.28 30.13
CA ILE A 215 22.20 -22.39 30.89
C ILE A 215 23.69 -22.52 30.59
N GLU A 216 24.51 -22.42 31.62
CA GLU A 216 25.96 -22.57 31.47
C GLU A 216 26.44 -23.95 31.88
N ASP A 217 27.33 -24.51 31.07
CA ASP A 217 27.94 -25.80 31.36
C ASP A 217 29.45 -25.73 31.14
N PRO A 218 30.19 -25.24 32.16
CA PRO A 218 31.65 -25.12 32.07
C PRO A 218 32.37 -26.47 32.10
N LYS A 219 31.64 -27.52 32.45
CA LYS A 219 32.15 -28.88 32.42
C LYS A 219 32.25 -29.37 30.98
N ASN A 220 31.20 -29.08 30.20
CA ASN A 220 31.13 -29.51 28.81
C ASN A 220 31.70 -28.51 27.80
N PHE A 221 31.59 -27.21 28.12
CA PHE A 221 32.03 -26.17 27.20
C PHE A 221 33.36 -25.53 27.61
N ALA A 222 34.33 -25.57 26.71
CA ALA A 222 35.68 -25.07 26.97
C ALA A 222 35.80 -23.57 26.67
N SER A 223 36.88 -22.97 27.17
CA SER A 223 37.17 -21.57 26.91
C SER A 223 37.48 -21.33 25.44
N GLU A 224 37.00 -20.20 24.93
CA GLU A 224 37.18 -19.80 23.54
C GLU A 224 37.70 -18.39 23.49
N TYR A 225 38.48 -18.07 22.46
CA TYR A 225 39.02 -16.73 22.29
C TYR A 225 38.74 -16.19 20.90
N TYR A 226 38.24 -14.96 20.84
CA TYR A 226 37.99 -14.29 19.57
C TYR A 226 39.30 -13.76 19.00
N GLY A 227 39.40 -13.80 17.67
CA GLY A 227 40.52 -13.20 16.97
C GLY A 227 40.01 -12.54 15.70
N MET A 228 40.76 -11.54 15.24
CA MET A 228 40.51 -10.95 13.93
C MET A 228 41.11 -11.86 12.89
N ILE A 229 40.32 -12.19 11.89
CA ILE A 229 40.71 -13.21 10.91
C ILE A 229 41.29 -12.58 9.63
N PHE A 230 42.18 -13.33 8.98
CA PHE A 230 42.88 -12.89 7.78
C PHE A 230 43.03 -14.07 6.83
N PRO A 231 43.13 -13.80 5.50
CA PRO A 231 43.54 -14.83 4.56
C PRO A 231 44.96 -15.29 4.88
N LYS A 232 45.30 -16.52 4.48
CA LYS A 232 46.59 -17.11 4.80
C LYS A 232 47.78 -16.24 4.38
N ASN A 233 48.76 -16.13 5.28
CA ASN A 233 49.98 -15.33 5.07
C ASN A 233 49.73 -13.84 4.81
N SER A 234 48.69 -13.30 5.44
CA SER A 234 48.35 -11.89 5.28
C SER A 234 49.39 -10.98 5.92
N GLU A 235 49.64 -9.86 5.25
CA GLU A 235 50.61 -8.85 5.69
C GLU A 235 49.99 -7.86 6.68
N LEU A 236 48.67 -7.94 6.85
CA LEU A 236 47.94 -7.05 7.77
C LEU A 236 47.98 -7.55 9.21
N LYS A 237 48.08 -8.88 9.37
CA LYS A 237 48.06 -9.52 10.69
C LYS A 237 49.01 -8.89 11.69
N ALA A 238 50.28 -8.73 11.28
CA ALA A 238 51.31 -8.14 12.14
C ALA A 238 51.00 -6.69 12.53
N LYS A 239 50.44 -5.93 11.59
CA LYS A 239 50.04 -4.55 11.83
C LYS A 239 48.87 -4.47 12.79
N VAL A 240 47.95 -5.42 12.68
CA VAL A 240 46.76 -5.47 13.55
C VAL A 240 47.13 -5.89 14.96
N ASP A 241 48.01 -6.90 15.08
CA ASP A 241 48.52 -7.35 16.38
C ASP A 241 49.16 -6.21 17.17
N GLU A 242 49.97 -5.42 16.49
CA GLU A 242 50.67 -4.28 17.09
C GLU A 242 49.70 -3.16 17.47
N ALA A 243 48.72 -2.94 16.60
CA ALA A 243 47.68 -1.94 16.84
C ALA A 243 46.76 -2.33 18.00
N LEU A 244 46.47 -3.63 18.12
CA LEU A 244 45.64 -4.15 19.21
C LEU A 244 46.32 -3.89 20.55
N LYS A 245 47.63 -4.13 20.60
CA LYS A 245 48.43 -3.87 21.79
C LYS A 245 48.36 -2.39 22.19
N ASN A 246 48.58 -1.51 21.22
CA ASN A 246 48.41 -0.06 21.42
C ASN A 246 47.04 0.28 21.99
N VAL A 247 46.00 -0.32 21.42
CA VAL A 247 44.62 -0.13 21.87
C VAL A 247 44.39 -0.62 23.30
N ILE A 248 44.99 -1.76 23.64
CA ILE A 248 44.91 -2.31 25.00
C ILE A 248 45.73 -1.46 25.98
N ASN A 249 46.97 -1.17 25.60
CA ASN A 249 47.91 -0.40 26.45
C ASN A 249 47.45 1.01 26.76
N SER A 250 46.86 1.69 25.77
CA SER A 250 46.42 3.07 25.95
C SER A 250 45.15 3.19 26.79
N GLY A 251 44.50 2.06 27.04
CA GLY A 251 43.25 2.03 27.81
C GLY A 251 42.03 2.19 26.92
N LYS A 252 42.24 2.16 25.60
CA LYS A 252 41.18 2.29 24.61
C LYS A 252 40.26 1.07 24.60
N TYR A 253 40.86 -0.12 24.60
CA TYR A 253 40.12 -1.37 24.66
C TYR A 253 39.15 -1.41 25.84
N THR A 254 39.64 -1.01 27.01
CA THR A 254 38.87 -1.05 28.26
C THR A 254 37.66 -0.11 28.25
N GLU A 255 37.81 1.04 27.60
CA GLU A 255 36.71 2.00 27.45
C GLU A 255 35.59 1.42 26.58
N ILE A 256 35.98 0.76 25.49
CA ILE A 256 35.06 0.08 24.59
C ILE A 256 34.39 -1.11 25.30
N TYR A 257 35.19 -1.87 26.05
CA TYR A 257 34.70 -3.01 26.82
C TYR A 257 33.66 -2.58 27.85
N LYS A 258 33.95 -1.50 28.58
CA LYS A 258 33.03 -0.93 29.57
C LYS A 258 31.73 -0.42 28.95
N LYS A 259 31.82 0.12 27.73
CA LYS A 259 30.66 0.65 27.01
C LYS A 259 29.63 -0.43 26.69
N TRP A 260 30.12 -1.60 26.27
CA TRP A 260 29.25 -2.68 25.82
C TRP A 260 28.90 -3.69 26.91
N PHE A 261 29.72 -3.75 27.96
CA PHE A 261 29.56 -4.76 29.00
C PHE A 261 29.46 -4.22 30.43
N GLY A 262 29.58 -2.90 30.57
CA GLY A 262 29.33 -2.22 31.85
C GLY A 262 30.23 -2.61 33.02
N LYS A 263 31.36 -3.23 32.72
CA LYS A 263 32.30 -3.66 33.75
C LYS A 263 33.72 -3.65 33.21
N GLU A 264 34.69 -3.65 34.12
CA GLU A 264 36.10 -3.72 33.77
C GLU A 264 36.45 -5.11 33.23
N PRO A 265 37.23 -5.17 32.14
CA PRO A 265 37.68 -6.46 31.64
C PRO A 265 38.82 -7.02 32.48
N LYS A 266 38.96 -8.35 32.51
CA LYS A 266 40.16 -8.97 33.04
C LYS A 266 41.11 -9.18 31.88
N LEU A 267 41.98 -8.20 31.66
CA LEU A 267 42.88 -8.19 30.50
C LEU A 267 43.86 -9.37 30.45
N ASP A 268 44.01 -10.07 31.58
CA ASP A 268 44.85 -11.27 31.64
C ASP A 268 44.27 -12.45 30.85
N ARG A 269 43.00 -12.33 30.47
CA ARG A 269 42.33 -13.30 29.60
C ARG A 269 42.89 -13.23 28.17
N LEU A 270 43.55 -12.12 27.84
CA LEU A 270 44.07 -11.90 26.50
C LEU A 270 45.54 -12.33 26.34
N LYS A 271 46.14 -12.77 27.44
CA LYS A 271 47.52 -13.25 27.45
C LYS A 271 47.62 -14.74 27.79
N GLN A 272 46.54 -15.47 27.57
CA GLN A 272 46.51 -16.90 27.83
C GLN A 272 47.18 -17.70 26.71
N LYS B 42 -18.82 -24.98 28.24
CA LYS B 42 -17.45 -24.48 27.90
C LYS B 42 -17.44 -23.73 26.57
N LYS B 43 -16.41 -22.90 26.37
CA LYS B 43 -16.19 -22.21 25.12
C LYS B 43 -15.43 -23.10 24.13
N VAL B 44 -15.64 -22.86 22.84
CA VAL B 44 -14.92 -23.60 21.79
C VAL B 44 -13.45 -23.19 21.80
N VAL B 45 -12.56 -24.18 21.75
CA VAL B 45 -11.13 -23.92 21.70
C VAL B 45 -10.67 -23.93 20.25
N VAL B 46 -10.34 -22.74 19.74
CA VAL B 46 -9.88 -22.60 18.37
C VAL B 46 -8.38 -22.27 18.37
N GLY B 47 -7.60 -23.11 17.71
CA GLY B 47 -6.16 -22.90 17.60
C GLY B 47 -5.76 -22.24 16.29
N THR B 48 -4.68 -21.45 16.35
CA THR B 48 -4.11 -20.80 15.18
C THR B 48 -2.59 -20.66 15.32
N ASP B 49 -1.91 -20.47 14.19
CA ASP B 49 -0.51 -20.09 14.22
C ASP B 49 -0.35 -18.68 13.65
N ALA B 50 -0.32 -17.71 14.55
CA ALA B 50 -0.34 -16.29 14.20
C ALA B 50 1.02 -15.77 13.73
N ALA B 51 1.53 -16.38 12.66
CA ALA B 51 2.76 -15.93 12.00
C ALA B 51 2.61 -16.18 10.50
N PHE B 52 1.52 -15.67 9.94
CA PHE B 52 1.10 -15.96 8.58
C PHE B 52 0.19 -14.84 8.07
N ALA B 53 0.77 -13.64 7.96
CA ALA B 53 0.04 -12.48 7.44
C ALA B 53 -0.24 -12.66 5.95
N PRO B 54 -1.42 -12.21 5.47
CA PRO B 54 -2.45 -11.43 6.16
C PRO B 54 -3.53 -12.25 6.89
N PHE B 55 -3.34 -13.56 6.97
CA PHE B 55 -4.39 -14.43 7.52
C PHE B 55 -4.43 -14.45 9.05
N GLU B 56 -3.27 -14.56 9.68
CA GLU B 56 -3.14 -14.42 11.13
C GLU B 56 -1.72 -14.03 11.54
N TYR B 57 -1.61 -12.95 12.31
CA TYR B 57 -0.34 -12.47 12.84
C TYR B 57 -0.57 -11.64 14.11
N MET B 58 0.53 -11.23 14.75
CA MET B 58 0.45 -10.43 15.98
C MET B 58 0.61 -8.93 15.68
N GLN B 59 -0.31 -8.14 16.21
CA GLN B 59 -0.26 -6.69 16.08
C GLN B 59 -0.57 -6.06 17.43
N LYS B 60 0.46 -5.53 18.08
CA LYS B 60 0.37 -4.92 19.41
C LYS B 60 -0.20 -5.89 20.45
N GLY B 61 0.30 -7.13 20.44
CA GLY B 61 -0.10 -8.16 21.40
C GLY B 61 -1.46 -8.80 21.11
N LYS B 62 -2.03 -8.50 19.95
CA LYS B 62 -3.32 -9.04 19.55
C LYS B 62 -3.20 -9.89 18.30
N ILE B 63 -4.03 -10.92 18.19
CA ILE B 63 -4.08 -11.75 16.98
C ILE B 63 -5.03 -11.11 15.97
N VAL B 64 -4.49 -10.75 14.81
CA VAL B 64 -5.27 -10.09 13.76
C VAL B 64 -5.08 -10.79 12.41
N GLY B 65 -6.02 -10.57 11.50
CA GLY B 65 -5.93 -11.14 10.16
C GLY B 65 -7.26 -11.52 9.56
N PHE B 66 -7.21 -11.98 8.30
CA PHE B 66 -8.40 -12.40 7.56
C PHE B 66 -9.12 -13.55 8.26
N ASP B 67 -8.36 -14.58 8.64
CA ASP B 67 -8.90 -15.74 9.35
C ASP B 67 -9.50 -15.36 10.71
N VAL B 68 -8.90 -14.36 11.36
CA VAL B 68 -9.37 -13.89 12.66
C VAL B 68 -10.75 -13.24 12.51
N ASP B 69 -10.88 -12.36 11.52
CA ASP B 69 -12.15 -11.69 11.21
C ASP B 69 -13.22 -12.64 10.72
N LEU B 70 -12.82 -13.59 9.88
CA LEU B 70 -13.75 -14.59 9.35
C LEU B 70 -14.21 -15.54 10.45
N LEU B 71 -13.28 -15.96 11.31
CA LEU B 71 -13.60 -16.79 12.45
C LEU B 71 -14.67 -16.14 13.33
N ASP B 72 -14.51 -14.86 13.62
CA ASP B 72 -15.45 -14.12 14.45
C ASP B 72 -16.86 -14.11 13.87
N ALA B 73 -16.96 -13.79 12.58
CA ALA B 73 -18.23 -13.77 11.87
C ALA B 73 -18.85 -15.16 11.79
N VAL B 74 -18.02 -16.16 11.50
CA VAL B 74 -18.47 -17.55 11.43
C VAL B 74 -19.03 -18.04 12.78
N MET B 75 -18.28 -17.80 13.86
CA MET B 75 -18.69 -18.27 15.19
C MET B 75 -19.91 -17.55 15.75
N LYS B 76 -20.08 -16.28 15.41
CA LYS B 76 -21.24 -15.51 15.85
C LYS B 76 -22.50 -15.91 15.08
N ALA B 77 -22.35 -16.22 13.79
CA ALA B 77 -23.44 -16.75 12.98
C ALA B 77 -23.79 -18.19 13.38
N ALA B 78 -22.82 -18.88 13.97
CA ALA B 78 -23.00 -20.25 14.46
C ALA B 78 -23.47 -20.27 15.91
N GLY B 79 -23.58 -19.09 16.51
CA GLY B 79 -23.97 -18.94 17.91
C GLY B 79 -23.03 -19.68 18.87
N LEU B 80 -21.74 -19.65 18.56
CA LEU B 80 -20.74 -20.37 19.34
C LEU B 80 -19.72 -19.43 19.98
N ASP B 81 -19.64 -19.50 21.30
CA ASP B 81 -18.62 -18.77 22.05
C ASP B 81 -17.30 -19.51 21.93
N TYR B 82 -16.23 -18.77 21.69
CA TYR B 82 -14.94 -19.37 21.40
C TYR B 82 -13.78 -18.62 22.04
N GLU B 83 -12.64 -19.30 22.10
CA GLU B 83 -11.38 -18.68 22.47
C GLU B 83 -10.37 -18.98 21.36
N LEU B 84 -9.71 -17.94 20.87
CA LEU B 84 -8.67 -18.11 19.86
C LEU B 84 -7.29 -18.18 20.51
N LYS B 85 -6.62 -19.32 20.31
CA LYS B 85 -5.32 -19.59 20.92
C LYS B 85 -4.22 -19.61 19.87
N ASN B 86 -3.18 -18.82 20.09
CA ASN B 86 -1.98 -18.82 19.26
C ASN B 86 -1.05 -19.93 19.72
N ILE B 87 -1.15 -21.10 19.09
CA ILE B 87 -0.50 -22.31 19.58
C ILE B 87 0.76 -22.72 18.79
N GLY B 88 0.73 -22.53 17.48
CA GLY B 88 1.87 -22.90 16.65
C GLY B 88 1.50 -24.04 15.72
N TRP B 89 2.15 -24.05 14.55
CA TRP B 89 1.78 -24.95 13.45
C TRP B 89 1.73 -26.44 13.82
N ASP B 90 2.86 -27.01 14.22
CA ASP B 90 2.92 -28.43 14.56
C ASP B 90 2.18 -28.82 15.86
N PRO B 91 2.29 -28.00 16.94
CA PRO B 91 1.45 -28.24 18.11
C PRO B 91 -0.05 -28.18 17.81
N LEU B 92 -0.44 -27.30 16.89
CA LEU B 92 -1.83 -27.15 16.48
C LEU B 92 -2.38 -28.45 15.91
N PHE B 93 -1.64 -29.05 14.98
CA PHE B 93 -2.03 -30.33 14.38
C PHE B 93 -1.99 -31.49 15.37
N ALA B 94 -1.11 -31.38 16.37
CA ALA B 94 -1.03 -32.37 17.44
C ALA B 94 -2.21 -32.25 18.40
N SER B 95 -2.56 -31.01 18.74
CA SER B 95 -3.66 -30.73 19.68
C SER B 95 -5.03 -31.03 19.10
N LEU B 96 -5.15 -30.96 17.77
CA LEU B 96 -6.37 -31.31 17.07
C LEU B 96 -6.59 -32.81 17.09
N GLN B 97 -5.50 -33.56 16.95
CA GLN B 97 -5.52 -35.02 16.98
C GLN B 97 -6.00 -35.52 18.35
N SER B 98 -5.47 -34.91 19.42
CA SER B 98 -5.84 -35.24 20.80
C SER B 98 -7.17 -34.63 21.23
N LYS B 99 -7.71 -33.73 20.40
CA LYS B 99 -8.98 -33.02 20.66
C LYS B 99 -8.90 -31.98 21.79
N GLU B 100 -7.68 -31.63 22.18
CA GLU B 100 -7.47 -30.56 23.17
C GLU B 100 -7.87 -29.22 22.56
N VAL B 101 -7.76 -29.15 21.23
CA VAL B 101 -8.23 -28.02 20.45
C VAL B 101 -9.40 -28.53 19.58
N ASP B 102 -10.50 -27.79 19.61
CA ASP B 102 -11.76 -28.22 18.97
C ASP B 102 -11.86 -27.81 17.52
N MET B 103 -11.13 -26.78 17.15
CA MET B 103 -11.26 -26.16 15.85
C MET B 103 -9.96 -25.44 15.48
N GLY B 104 -9.69 -25.33 14.19
CA GLY B 104 -8.53 -24.60 13.72
C GLY B 104 -8.83 -23.72 12.54
N ILE B 105 -8.26 -22.51 12.56
CA ILE B 105 -8.22 -21.64 11.40
C ILE B 105 -6.82 -21.01 11.36
N SER B 106 -6.03 -21.45 10.38
CA SER B 106 -4.62 -21.07 10.31
C SER B 106 -4.10 -21.10 8.88
N GLY B 107 -4.92 -20.62 7.95
CA GLY B 107 -4.60 -20.64 6.52
C GLY B 107 -4.32 -22.03 6.00
N ILE B 108 -5.06 -23.01 6.53
CA ILE B 108 -4.79 -24.43 6.27
C ILE B 108 -5.43 -24.89 4.95
N THR B 109 -4.60 -25.43 4.08
CA THR B 109 -5.03 -26.00 2.82
C THR B 109 -5.65 -27.38 3.05
N ILE B 110 -6.76 -27.63 2.36
CA ILE B 110 -7.39 -28.94 2.37
C ILE B 110 -6.60 -29.89 1.47
N THR B 111 -6.24 -31.05 2.01
CA THR B 111 -5.55 -32.11 1.24
C THR B 111 -6.12 -33.49 1.60
N ASP B 112 -5.90 -34.46 0.72
CA ASP B 112 -6.38 -35.82 0.90
C ASP B 112 -5.71 -36.53 2.08
N GLU B 113 -4.44 -36.22 2.33
CA GLU B 113 -3.68 -36.80 3.45
C GLU B 113 -4.15 -36.24 4.80
N ARG B 114 -4.46 -34.96 4.83
CA ARG B 114 -4.99 -34.31 6.03
C ARG B 114 -6.43 -34.75 6.32
N LYS B 115 -7.20 -34.98 5.26
CA LYS B 115 -8.58 -35.44 5.37
C LYS B 115 -8.68 -36.84 5.99
N GLN B 116 -7.56 -37.56 6.02
CA GLN B 116 -7.50 -38.88 6.63
C GLN B 116 -7.46 -38.82 8.16
N SER B 117 -6.92 -37.71 8.69
CA SER B 117 -6.79 -37.53 10.14
C SER B 117 -7.73 -36.48 10.71
N TYR B 118 -8.15 -35.55 9.85
CA TYR B 118 -8.93 -34.40 10.28
C TYR B 118 -10.14 -34.17 9.38
N ASP B 119 -11.15 -33.51 9.93
CA ASP B 119 -12.28 -33.04 9.13
C ASP B 119 -12.08 -31.58 8.76
N PHE B 120 -12.48 -31.23 7.54
CA PHE B 120 -12.38 -29.86 7.06
C PHE B 120 -13.75 -29.26 6.79
N SER B 121 -13.85 -27.94 6.95
CA SER B 121 -15.03 -27.20 6.55
C SER B 121 -15.04 -27.05 5.03
N ASP B 122 -16.17 -26.61 4.48
CA ASP B 122 -16.23 -26.19 3.08
C ASP B 122 -15.13 -25.15 2.87
N PRO B 123 -14.53 -25.12 1.66
CA PRO B 123 -13.46 -24.16 1.41
C PRO B 123 -13.92 -22.71 1.61
N TYR B 124 -13.03 -21.86 2.10
CA TYR B 124 -13.34 -20.45 2.29
C TYR B 124 -12.34 -19.54 1.57
N PHE B 125 -11.34 -20.14 0.93
CA PHE B 125 -10.27 -19.38 0.27
C PHE B 125 -9.55 -20.23 -0.77
N GLU B 126 -9.10 -19.59 -1.85
CA GLU B 126 -8.25 -20.26 -2.83
C GLU B 126 -6.84 -19.66 -2.83
N ALA B 127 -5.85 -20.55 -2.92
CA ALA B 127 -4.45 -20.15 -2.94
C ALA B 127 -3.65 -21.01 -3.91
N THR B 128 -2.37 -20.67 -4.04
CA THR B 128 -1.41 -21.49 -4.78
C THR B 128 -0.02 -21.30 -4.19
N GLN B 129 0.82 -22.31 -4.29
CA GLN B 129 2.23 -22.19 -3.90
C GLN B 129 2.99 -21.36 -4.92
N VAL B 130 3.84 -20.47 -4.42
CA VAL B 130 4.69 -19.63 -5.27
C VAL B 130 6.11 -19.64 -4.73
N ILE B 131 7.06 -19.20 -5.56
CA ILE B 131 8.45 -19.12 -5.15
C ILE B 131 8.81 -17.69 -4.76
N LEU B 132 9.22 -17.52 -3.50
CA LEU B 132 9.71 -16.23 -3.02
C LEU B 132 11.24 -16.21 -3.10
N VAL B 133 11.78 -15.24 -3.83
CA VAL B 133 13.22 -15.09 -3.99
C VAL B 133 13.67 -13.64 -3.84
N LYS B 134 14.98 -13.42 -3.72
CA LYS B 134 15.56 -12.08 -3.82
C LYS B 134 15.43 -11.57 -5.25
N GLN B 135 15.37 -10.25 -5.41
CA GLN B 135 15.25 -9.64 -6.74
C GLN B 135 16.45 -9.86 -7.66
N GLY B 136 17.50 -10.51 -7.16
CA GLY B 136 18.66 -10.84 -7.99
C GLY B 136 18.68 -12.28 -8.47
N SER B 137 17.66 -13.05 -8.11
CA SER B 137 17.61 -14.50 -8.38
C SER B 137 17.48 -14.86 -9.86
N PRO B 138 18.21 -15.91 -10.31
CA PRO B 138 18.08 -16.43 -11.66
C PRO B 138 16.86 -17.34 -11.85
N VAL B 139 16.18 -17.66 -10.76
CA VAL B 139 15.02 -18.56 -10.78
C VAL B 139 13.83 -17.93 -11.53
N LYS B 140 13.44 -18.59 -12.63
CA LYS B 140 12.33 -18.14 -13.47
C LYS B 140 11.14 -19.08 -13.33
N ASN B 141 11.43 -20.30 -12.89
CA ASN B 141 10.43 -21.35 -12.68
C ASN B 141 10.89 -22.34 -11.61
N ALA B 142 10.04 -23.32 -11.30
CA ALA B 142 10.31 -24.26 -10.22
C ALA B 142 11.46 -25.22 -10.50
N LEU B 143 11.63 -25.60 -11.78
CA LEU B 143 12.72 -26.49 -12.19
C LEU B 143 14.12 -25.85 -12.02
N ASP B 144 14.16 -24.52 -12.01
CA ASP B 144 15.41 -23.77 -11.78
C ASP B 144 15.92 -23.90 -10.34
N LEU B 145 15.11 -24.52 -9.48
CA LEU B 145 15.48 -24.75 -8.08
C LEU B 145 16.32 -26.02 -7.88
N LYS B 146 16.67 -26.68 -8.98
CA LYS B 146 17.51 -27.87 -8.94
C LYS B 146 18.88 -27.55 -8.37
N GLY B 147 19.29 -28.31 -7.36
CA GLY B 147 20.58 -28.10 -6.70
C GLY B 147 20.62 -26.90 -5.78
N LYS B 148 19.48 -26.21 -5.68
CA LYS B 148 19.37 -25.02 -4.82
C LYS B 148 18.68 -25.40 -3.52
N THR B 149 18.85 -24.56 -2.50
CA THR B 149 18.26 -24.82 -1.19
C THR B 149 16.94 -24.08 -1.03
N ILE B 150 15.90 -24.81 -0.63
CA ILE B 150 14.56 -24.26 -0.52
C ILE B 150 14.08 -24.18 0.93
N GLY B 151 13.68 -22.99 1.34
CA GLY B 151 13.09 -22.79 2.65
C GLY B 151 11.59 -22.99 2.60
N VAL B 152 11.09 -23.88 3.46
CA VAL B 152 9.66 -24.09 3.62
C VAL B 152 9.30 -24.10 5.10
N GLN B 153 8.01 -23.98 5.40
CA GLN B 153 7.52 -24.26 6.73
C GLN B 153 7.26 -25.75 6.85
N ASN B 154 7.61 -26.32 8.01
CA ASN B 154 7.43 -27.74 8.27
C ASN B 154 5.98 -28.18 8.08
N ALA B 155 5.81 -29.38 7.49
CA ALA B 155 4.51 -30.01 7.29
C ALA B 155 3.48 -29.11 6.62
N THR B 156 3.89 -28.48 5.51
CA THR B 156 2.99 -27.63 4.72
C THR B 156 2.90 -28.11 3.28
N THR B 157 1.95 -27.55 2.54
CA THR B 157 1.81 -27.85 1.12
C THR B 157 2.96 -27.25 0.30
N GLY B 158 3.59 -26.21 0.85
CA GLY B 158 4.82 -25.65 0.27
C GLY B 158 5.97 -26.65 0.34
N GLN B 159 6.06 -27.35 1.46
CA GLN B 159 7.03 -28.43 1.64
C GLN B 159 6.76 -29.57 0.65
N GLU B 160 5.49 -29.93 0.52
CA GLU B 160 5.05 -31.00 -0.37
C GLU B 160 5.32 -30.67 -1.84
N ALA B 161 5.10 -29.41 -2.20
CA ALA B 161 5.34 -28.91 -3.56
C ALA B 161 6.83 -28.95 -3.89
N ALA B 162 7.66 -28.56 -2.93
CA ALA B 162 9.11 -28.58 -3.07
C ALA B 162 9.63 -30.00 -3.21
N GLU B 163 9.04 -30.92 -2.44
CA GLU B 163 9.41 -32.34 -2.46
C GLU B 163 8.89 -33.04 -3.72
N LYS B 164 7.85 -32.49 -4.33
CA LYS B 164 7.31 -33.04 -5.58
C LYS B 164 8.28 -32.83 -6.74
N LEU B 165 8.98 -31.69 -6.73
CA LEU B 165 9.89 -31.29 -7.80
C LEU B 165 11.06 -32.25 -8.03
N PHE B 166 11.94 -32.36 -7.05
CA PHE B 166 13.16 -33.16 -7.19
C PHE B 166 13.28 -34.24 -6.11
N GLY B 167 12.21 -34.41 -5.35
CA GLY B 167 12.16 -35.40 -4.27
C GLY B 167 12.60 -34.83 -2.94
N LYS B 168 12.50 -35.66 -1.89
CA LYS B 168 12.91 -35.28 -0.55
C LYS B 168 14.44 -35.26 -0.45
N GLY B 169 14.96 -34.41 0.43
CA GLY B 169 16.40 -34.26 0.61
C GLY B 169 16.78 -33.04 1.43
N PRO B 170 18.05 -32.99 1.89
CA PRO B 170 18.57 -31.94 2.76
C PRO B 170 18.54 -30.53 2.13
N HIS B 171 18.39 -30.46 0.81
CA HIS B 171 18.27 -29.18 0.11
C HIS B 171 17.01 -28.42 0.53
N ILE B 172 16.05 -29.15 1.07
CA ILE B 172 14.83 -28.55 1.60
C ILE B 172 14.98 -28.33 3.10
N LYS B 173 14.85 -27.07 3.51
CA LYS B 173 15.00 -26.68 4.91
C LYS B 173 13.65 -26.34 5.52
N LYS B 174 13.32 -27.01 6.62
CA LYS B 174 12.01 -26.86 7.25
C LYS B 174 12.08 -26.01 8.52
N PHE B 175 11.14 -25.08 8.62
CA PHE B 175 11.07 -24.18 9.77
C PHE B 175 9.68 -24.26 10.41
N GLU B 176 9.57 -23.82 11.67
CA GLU B 176 8.31 -23.89 12.39
C GLU B 176 7.31 -22.84 11.92
N THR B 177 7.83 -21.75 11.35
CA THR B 177 6.98 -20.70 10.77
C THR B 177 7.45 -20.31 9.37
N THR B 178 6.55 -19.68 8.61
CA THR B 178 6.90 -19.11 7.31
C THR B 178 7.75 -17.86 7.54
N VAL B 179 7.50 -17.17 8.66
CA VAL B 179 8.28 -15.99 9.07
C VAL B 179 9.78 -16.30 9.09
N VAL B 180 10.15 -17.38 9.78
CA VAL B 180 11.55 -17.80 9.87
C VAL B 180 12.09 -18.28 8.52
N ALA B 181 11.22 -18.90 7.72
CA ALA B 181 11.58 -19.32 6.36
C ALA B 181 12.01 -18.13 5.50
N ILE B 182 11.25 -17.04 5.58
CA ILE B 182 11.58 -15.81 4.85
C ILE B 182 12.87 -15.18 5.38
N MET B 183 13.06 -15.22 6.69
CA MET B 183 14.27 -14.69 7.31
C MET B 183 15.54 -15.44 6.93
N GLU B 184 15.42 -16.72 6.60
CA GLU B 184 16.54 -17.50 6.06
C GLU B 184 16.79 -17.19 4.58
N LEU B 185 15.76 -16.67 3.91
CA LEU B 185 15.92 -16.21 2.52
C LEU B 185 16.62 -14.86 2.51
N LEU B 186 16.27 -14.01 3.47
CA LEU B 186 16.82 -12.65 3.58
C LEU B 186 18.30 -12.66 3.90
N ASN B 187 18.73 -13.63 4.70
CA ASN B 187 20.12 -13.71 5.15
C ASN B 187 21.01 -14.61 4.28
N GLY B 188 20.44 -15.13 3.19
CA GLY B 188 21.18 -15.97 2.26
C GLY B 188 21.28 -17.43 2.66
N GLY B 189 20.60 -17.80 3.75
CA GLY B 189 20.58 -19.18 4.23
C GLY B 189 19.90 -20.13 3.26
N VAL B 190 18.83 -19.65 2.63
CA VAL B 190 18.17 -20.39 1.54
C VAL B 190 18.11 -19.55 0.26
N ASP B 191 17.98 -20.22 -0.88
CA ASP B 191 17.95 -19.55 -2.18
C ASP B 191 16.53 -19.18 -2.58
N ALA B 192 15.56 -19.90 -2.03
CA ALA B 192 14.15 -19.67 -2.35
C ALA B 192 13.26 -20.12 -1.20
N VAL B 193 12.06 -19.57 -1.17
CA VAL B 193 11.03 -19.99 -0.22
C VAL B 193 9.76 -20.32 -1.00
N ILE B 194 9.21 -21.50 -0.75
CA ILE B 194 7.93 -21.87 -1.33
C ILE B 194 6.82 -21.73 -0.28
N THR B 195 5.92 -20.78 -0.53
CA THR B 195 4.78 -20.54 0.36
C THR B 195 3.54 -20.07 -0.42
N ASP B 196 2.42 -19.98 0.30
CA ASP B 196 1.15 -19.52 -0.25
C ASP B 196 1.26 -18.14 -0.88
N ASN B 197 0.59 -17.96 -2.03
CA ASN B 197 0.70 -16.74 -2.83
C ASN B 197 0.37 -15.44 -2.12
N ALA B 198 -0.74 -15.41 -1.38
CA ALA B 198 -1.21 -14.20 -0.70
C ALA B 198 -0.29 -13.76 0.43
N VAL B 199 0.44 -14.72 0.98
CA VAL B 199 1.40 -14.46 2.06
C VAL B 199 2.70 -13.89 1.50
N ALA B 200 3.21 -14.50 0.44
CA ALA B 200 4.41 -14.01 -0.25
C ALA B 200 4.17 -12.64 -0.87
N ASN B 201 3.01 -12.49 -1.51
CA ASN B 201 2.60 -11.20 -2.08
C ASN B 201 2.50 -10.11 -1.03
N GLU B 202 1.95 -10.45 0.14
CA GLU B 202 1.77 -9.53 1.26
C GLU B 202 3.10 -9.04 1.84
N TYR B 203 4.06 -9.97 1.97
CA TYR B 203 5.38 -9.62 2.50
C TYR B 203 6.15 -8.71 1.54
N VAL B 204 6.03 -8.99 0.25
CA VAL B 204 6.68 -8.19 -0.80
C VAL B 204 6.09 -6.77 -0.86
N LYS B 205 4.76 -6.68 -0.76
CA LYS B 205 4.07 -5.41 -0.79
C LYS B 205 4.37 -4.56 0.44
N ASN B 206 4.43 -5.22 1.61
CA ASN B 206 4.72 -4.56 2.88
C ASN B 206 6.21 -4.28 3.10
N ASN B 207 7.06 -5.01 2.40
CA ASN B 207 8.51 -4.85 2.56
C ASN B 207 9.25 -4.67 1.22
N PRO B 208 9.07 -3.50 0.57
CA PRO B 208 9.81 -3.23 -0.67
C PRO B 208 11.30 -3.02 -0.40
N ASN B 209 11.63 -2.65 0.83
CA ASN B 209 13.01 -2.48 1.30
C ASN B 209 13.85 -3.77 1.30
N LYS B 210 13.17 -4.91 1.27
CA LYS B 210 13.84 -6.21 1.30
C LYS B 210 14.23 -6.71 -0.08
N LYS B 211 13.66 -6.08 -1.11
CA LYS B 211 13.95 -6.38 -2.52
C LYS B 211 13.70 -7.86 -2.85
N LEU B 212 12.49 -8.31 -2.54
CA LEU B 212 12.07 -9.68 -2.84
C LEU B 212 11.10 -9.69 -4.01
N GLN B 213 10.98 -10.85 -4.66
CA GLN B 213 10.03 -11.03 -5.74
C GLN B 213 9.31 -12.38 -5.68
N VAL B 214 8.06 -12.38 -6.15
CA VAL B 214 7.23 -13.58 -6.18
C VAL B 214 7.26 -14.18 -7.58
N ILE B 215 7.76 -15.40 -7.69
CA ILE B 215 7.79 -16.13 -8.95
C ILE B 215 6.68 -17.17 -8.97
N GLU B 216 5.72 -16.97 -9.88
CA GLU B 216 4.59 -17.89 -10.00
C GLU B 216 4.83 -18.91 -11.10
N ASP B 217 4.47 -20.16 -10.80
CA ASP B 217 4.61 -21.26 -11.75
C ASP B 217 3.31 -22.07 -11.81
N PRO B 218 2.33 -21.58 -12.59
CA PRO B 218 0.99 -22.21 -12.69
C PRO B 218 1.01 -23.62 -13.29
N LYS B 219 2.01 -23.90 -14.11
CA LYS B 219 2.19 -25.23 -14.70
C LYS B 219 2.60 -26.26 -13.64
N ASN B 220 3.48 -25.85 -12.74
CA ASN B 220 4.00 -26.72 -11.70
C ASN B 220 3.13 -26.74 -10.44
N PHE B 221 2.62 -25.58 -10.04
CA PHE B 221 1.84 -25.47 -8.81
C PHE B 221 0.34 -25.47 -9.09
N ALA B 222 -0.40 -26.29 -8.34
CA ALA B 222 -1.83 -26.47 -8.56
C ALA B 222 -2.68 -25.62 -7.62
N SER B 223 -3.97 -25.50 -7.96
CA SER B 223 -4.93 -24.74 -7.18
C SER B 223 -5.15 -25.39 -5.81
N GLU B 224 -5.23 -24.54 -4.77
CA GLU B 224 -5.38 -24.97 -3.39
C GLU B 224 -6.53 -24.23 -2.74
N TYR B 225 -7.16 -24.86 -1.75
CA TYR B 225 -8.29 -24.24 -1.06
C TYR B 225 -8.14 -24.36 0.45
N TYR B 226 -8.41 -23.26 1.16
CA TYR B 226 -8.38 -23.27 2.62
C TYR B 226 -9.71 -23.73 3.19
N GLY B 227 -9.63 -24.51 4.26
CA GLY B 227 -10.80 -24.91 5.03
C GLY B 227 -10.47 -24.83 6.50
N MET B 228 -11.48 -24.55 7.32
CA MET B 228 -11.33 -24.64 8.76
C MET B 228 -11.17 -26.10 9.14
N ILE B 229 -10.30 -26.37 10.09
CA ILE B 229 -9.97 -27.75 10.47
C ILE B 229 -10.67 -28.16 11.76
N PHE B 230 -10.99 -29.45 11.84
CA PHE B 230 -11.66 -30.03 12.99
C PHE B 230 -11.07 -31.41 13.26
N PRO B 231 -11.09 -31.85 14.54
CA PRO B 231 -10.78 -33.25 14.85
C PRO B 231 -11.75 -34.16 14.14
N LYS B 232 -11.31 -35.39 13.85
CA LYS B 232 -12.11 -36.37 13.13
C LYS B 232 -13.44 -36.62 13.85
N ASN B 233 -14.53 -36.48 13.09
CA ASN B 233 -15.90 -36.66 13.60
C ASN B 233 -16.39 -35.53 14.51
N SER B 234 -15.89 -34.32 14.29
CA SER B 234 -16.36 -33.16 15.04
C SER B 234 -17.75 -32.71 14.60
N GLU B 235 -18.58 -32.39 15.58
CA GLU B 235 -19.95 -31.93 15.34
C GLU B 235 -19.98 -30.42 15.08
N LEU B 236 -18.83 -29.77 15.21
CA LEU B 236 -18.69 -28.34 14.95
C LEU B 236 -18.58 -28.04 13.45
N LYS B 237 -18.18 -29.06 12.68
CA LYS B 237 -17.99 -28.91 11.24
C LYS B 237 -19.28 -28.48 10.54
N ALA B 238 -20.35 -29.24 10.76
CA ALA B 238 -21.65 -28.96 10.15
C ALA B 238 -22.17 -27.59 10.57
N LYS B 239 -21.95 -27.24 11.84
CA LYS B 239 -22.34 -25.95 12.39
C LYS B 239 -21.58 -24.81 11.74
N VAL B 240 -20.29 -25.01 11.48
CA VAL B 240 -19.44 -24.02 10.85
C VAL B 240 -19.77 -23.86 9.36
N ASP B 241 -20.05 -24.97 8.67
CA ASP B 241 -20.41 -24.97 7.26
C ASP B 241 -21.66 -24.11 6.98
N GLU B 242 -22.64 -24.22 7.86
CA GLU B 242 -23.86 -23.42 7.76
CA GLU B 242 -23.87 -23.41 7.77
C GLU B 242 -23.57 -21.96 8.10
N ALA B 243 -22.74 -21.75 9.12
CA ALA B 243 -22.35 -20.41 9.55
C ALA B 243 -21.50 -19.69 8.50
N LEU B 244 -20.67 -20.46 7.80
CA LEU B 244 -19.84 -19.94 6.70
C LEU B 244 -20.73 -19.50 5.54
N LYS B 245 -21.74 -20.31 5.23
CA LYS B 245 -22.71 -20.00 4.18
C LYS B 245 -23.52 -18.75 4.53
N ASN B 246 -23.85 -18.60 5.81
CA ASN B 246 -24.51 -17.41 6.35
C ASN B 246 -23.65 -16.16 6.16
N VAL B 247 -22.36 -16.30 6.42
CA VAL B 247 -21.40 -15.19 6.30
C VAL B 247 -21.14 -14.81 4.85
N ILE B 248 -21.13 -15.79 3.95
CA ILE B 248 -20.96 -15.55 2.51
C ILE B 248 -22.21 -14.90 1.92
N ASN B 249 -23.37 -15.49 2.19
CA ASN B 249 -24.65 -15.00 1.66
C ASN B 249 -25.05 -13.60 2.15
N SER B 250 -24.68 -13.26 3.37
CA SER B 250 -25.01 -11.95 3.93
C SER B 250 -24.12 -10.84 3.38
N GLY B 251 -22.98 -11.24 2.80
CA GLY B 251 -22.03 -10.29 2.22
C GLY B 251 -20.89 -9.96 3.16
N LYS B 252 -20.93 -10.55 4.35
CA LYS B 252 -19.92 -10.31 5.39
C LYS B 252 -18.54 -10.79 4.96
N TYR B 253 -18.49 -11.99 4.37
CA TYR B 253 -17.24 -12.56 3.88
C TYR B 253 -16.53 -11.58 2.93
N THR B 254 -17.28 -11.08 1.95
CA THR B 254 -16.76 -10.17 0.93
C THR B 254 -16.28 -8.84 1.53
N GLU B 255 -17.01 -8.36 2.54
CA GLU B 255 -16.60 -7.17 3.29
C GLU B 255 -15.29 -7.39 4.05
N ILE B 256 -15.08 -8.62 4.53
CA ILE B 256 -13.83 -9.00 5.19
C ILE B 256 -12.73 -9.20 4.16
N TYR B 257 -13.08 -9.85 3.05
CA TYR B 257 -12.16 -10.08 1.94
C TYR B 257 -11.64 -8.76 1.37
N LYS B 258 -12.56 -7.81 1.15
CA LYS B 258 -12.23 -6.47 0.67
C LYS B 258 -11.32 -5.69 1.62
N LYS B 259 -11.50 -5.93 2.91
CA LYS B 259 -10.70 -5.31 3.97
C LYS B 259 -9.22 -5.68 3.90
N TRP B 260 -8.94 -6.95 3.59
CA TRP B 260 -7.56 -7.45 3.62
C TRP B 260 -6.91 -7.59 2.24
N PHE B 261 -7.72 -7.57 1.19
CA PHE B 261 -7.21 -7.81 -0.17
C PHE B 261 -7.57 -6.73 -1.21
N GLY B 262 -8.34 -5.73 -0.78
CA GLY B 262 -8.61 -4.53 -1.60
C GLY B 262 -9.29 -4.75 -2.93
N LYS B 263 -9.99 -5.87 -3.05
CA LYS B 263 -10.72 -6.21 -4.27
C LYS B 263 -11.88 -7.15 -3.95
N GLU B 264 -12.84 -7.22 -4.85
CA GLU B 264 -13.97 -8.13 -4.71
C GLU B 264 -13.48 -9.57 -4.86
N PRO B 265 -14.00 -10.47 -4.01
CA PRO B 265 -13.68 -11.89 -4.19
C PRO B 265 -14.45 -12.51 -5.35
N LYS B 266 -13.89 -13.58 -5.91
CA LYS B 266 -14.63 -14.43 -6.83
C LYS B 266 -15.12 -15.64 -6.04
N LEU B 267 -16.37 -15.56 -5.59
CA LEU B 267 -16.94 -16.56 -4.69
C LEU B 267 -17.17 -17.93 -5.35
N ASP B 268 -17.18 -17.96 -6.68
CA ASP B 268 -17.29 -19.21 -7.43
C ASP B 268 -16.06 -20.11 -7.24
N ARG B 269 -14.99 -19.53 -6.68
CA ARG B 269 -13.80 -20.27 -6.27
C ARG B 269 -14.10 -21.13 -5.03
N LEU B 270 -15.21 -20.82 -4.35
CA LEU B 270 -15.61 -21.54 -3.13
C LEU B 270 -16.66 -22.62 -3.38
N LYS B 271 -16.98 -22.86 -4.66
CA LYS B 271 -17.90 -23.91 -5.06
C LYS B 271 -17.26 -24.80 -6.13
N GLN B 272 -15.95 -25.03 -6.01
CA GLN B 272 -15.22 -25.88 -6.93
C GLN B 272 -15.18 -27.33 -6.44
N LYS C 42 15.36 36.83 -25.00
CA LYS C 42 14.05 36.19 -24.68
C LYS C 42 13.82 36.08 -23.16
N LYS C 43 12.55 36.03 -22.78
CA LYS C 43 12.16 35.89 -21.38
C LYS C 43 12.10 34.41 -20.98
N VAL C 44 12.47 34.12 -19.73
CA VAL C 44 12.38 32.75 -19.20
C VAL C 44 10.92 32.29 -19.21
N VAL C 45 10.67 31.12 -19.79
CA VAL C 45 9.32 30.57 -19.84
C VAL C 45 9.10 29.67 -18.63
N VAL C 46 8.27 30.14 -17.71
CA VAL C 46 7.95 29.37 -16.51
C VAL C 46 6.51 28.86 -16.61
N GLY C 47 6.35 27.54 -16.44
CA GLY C 47 5.03 26.91 -16.45
C GLY C 47 4.55 26.54 -15.07
N THR C 48 3.23 26.46 -14.92
CA THR C 48 2.59 26.05 -13.67
C THR C 48 1.20 25.49 -13.95
N ASP C 49 0.72 24.64 -13.04
CA ASP C 49 -0.66 24.18 -13.09
C ASP C 49 -1.45 24.87 -11.97
N ALA C 50 -2.03 26.02 -12.31
CA ALA C 50 -2.70 26.88 -11.33
C ALA C 50 -4.06 26.36 -10.84
N ALA C 51 -4.06 25.16 -10.29
CA ALA C 51 -5.22 24.58 -9.63
C ALA C 51 -4.77 23.83 -8.37
N PHE C 52 -3.93 24.49 -7.58
CA PHE C 52 -3.24 23.86 -6.45
C PHE C 52 -3.01 24.87 -5.33
N ALA C 53 -4.09 25.53 -4.91
CA ALA C 53 -4.06 26.49 -3.80
C ALA C 53 -3.53 25.84 -2.51
N PRO C 54 -2.74 26.59 -1.71
CA PRO C 54 -2.39 28.02 -1.82
C PRO C 54 -1.14 28.31 -2.65
N PHE C 55 -0.59 27.29 -3.32
CA PHE C 55 0.65 27.45 -4.07
C PHE C 55 0.45 28.12 -5.42
N GLU C 56 -0.56 27.68 -6.15
CA GLU C 56 -0.97 28.31 -7.42
C GLU C 56 -2.43 28.08 -7.73
N TYR C 57 -3.16 29.18 -7.94
CA TYR C 57 -4.56 29.13 -8.33
C TYR C 57 -4.99 30.44 -9.00
N MET C 58 -6.12 30.39 -9.69
CA MET C 58 -6.66 31.55 -10.36
C MET C 58 -7.51 32.37 -9.40
N GLN C 59 -7.24 33.68 -9.36
CA GLN C 59 -8.05 34.63 -8.60
C GLN C 59 -8.30 35.87 -9.44
N LYS C 60 -9.54 36.04 -9.88
CA LYS C 60 -9.97 37.17 -10.73
C LYS C 60 -9.13 37.29 -12.00
N GLY C 61 -8.84 36.16 -12.62
CA GLY C 61 -8.12 36.11 -13.90
C GLY C 61 -6.60 36.07 -13.78
N LYS C 62 -6.09 36.27 -12.56
CA LYS C 62 -4.65 36.30 -12.31
C LYS C 62 -4.22 35.03 -11.58
N ILE C 63 -2.99 34.58 -11.85
CA ILE C 63 -2.41 33.47 -11.10
C ILE C 63 -1.81 34.01 -9.81
N VAL C 64 -2.31 33.51 -8.68
CA VAL C 64 -1.80 33.90 -7.36
C VAL C 64 -1.41 32.68 -6.53
N GLY C 65 -0.55 32.89 -5.53
CA GLY C 65 -0.10 31.81 -4.66
C GLY C 65 1.31 31.97 -4.11
N PHE C 66 1.66 31.08 -3.18
CA PHE C 66 2.99 31.05 -2.58
C PHE C 66 4.07 30.90 -3.65
N ASP C 67 3.89 29.91 -4.53
CA ASP C 67 4.81 29.66 -5.64
C ASP C 67 4.93 30.87 -6.56
N VAL C 68 3.83 31.56 -6.77
CA VAL C 68 3.78 32.76 -7.60
C VAL C 68 4.60 33.89 -7.00
N ASP C 69 4.39 34.14 -5.71
CA ASP C 69 5.12 35.17 -4.96
C ASP C 69 6.61 34.83 -4.82
N LEU C 70 6.90 33.56 -4.54
CA LEU C 70 8.27 33.11 -4.37
C LEU C 70 9.04 33.16 -5.69
N LEU C 71 8.40 32.68 -6.76
CA LEU C 71 8.99 32.72 -8.09
C LEU C 71 9.38 34.15 -8.47
N ASP C 72 8.51 35.10 -8.17
CA ASP C 72 8.76 36.50 -8.49
C ASP C 72 10.02 37.03 -7.81
N ALA C 73 10.16 36.74 -6.52
CA ALA C 73 11.33 37.18 -5.75
C ALA C 73 12.59 36.45 -6.18
N VAL C 74 12.46 35.17 -6.52
CA VAL C 74 13.58 34.35 -6.97
C VAL C 74 14.11 34.84 -8.32
N MET C 75 13.20 35.07 -9.27
CA MET C 75 13.57 35.50 -10.61
C MET C 75 14.12 36.93 -10.64
N LYS C 76 13.66 37.78 -9.72
CA LYS C 76 14.17 39.14 -9.59
C LYS C 76 15.57 39.15 -9.00
N ALA C 77 15.81 38.26 -8.03
CA ALA C 77 17.14 38.08 -7.45
C ALA C 77 18.11 37.49 -8.46
N ALA C 78 17.62 36.56 -9.28
CA ALA C 78 18.40 35.94 -10.34
C ALA C 78 18.61 36.89 -11.53
N GLY C 79 17.94 38.04 -11.48
CA GLY C 79 18.01 39.04 -12.55
C GLY C 79 17.47 38.53 -13.86
N LEU C 80 16.42 37.73 -13.80
CA LEU C 80 15.84 37.10 -14.99
C LEU C 80 14.42 37.57 -15.24
N ASP C 81 14.18 38.05 -16.46
CA ASP C 81 12.82 38.37 -16.91
C ASP C 81 12.15 37.08 -17.32
N TYR C 82 10.88 36.93 -16.93
CA TYR C 82 10.17 35.66 -17.09
C TYR C 82 8.69 35.86 -17.41
N GLU C 83 8.11 34.85 -18.02
CA GLU C 83 6.66 34.76 -18.21
C GLU C 83 6.16 33.53 -17.46
N LEU C 84 5.16 33.74 -16.60
CA LEU C 84 4.49 32.63 -15.94
C LEU C 84 3.24 32.25 -16.71
N LYS C 85 3.17 30.98 -17.12
CA LYS C 85 2.04 30.49 -17.89
C LYS C 85 1.31 29.34 -17.21
N ASN C 86 -0.02 29.38 -17.26
CA ASN C 86 -0.87 28.31 -16.76
C ASN C 86 -1.03 27.25 -17.84
N ILE C 87 -0.31 26.14 -17.68
CA ILE C 87 -0.19 25.14 -18.74
C ILE C 87 -0.93 23.82 -18.46
N GLY C 88 -1.01 23.45 -17.19
CA GLY C 88 -1.61 22.17 -16.81
C GLY C 88 -0.55 21.17 -16.42
N TRP C 89 -0.93 20.21 -15.60
CA TRP C 89 0.02 19.29 -14.95
C TRP C 89 0.78 18.39 -15.94
N ASP C 90 0.05 17.63 -16.74
CA ASP C 90 0.66 16.73 -17.73
C ASP C 90 1.35 17.47 -18.89
N PRO C 91 0.70 18.53 -19.45
CA PRO C 91 1.39 19.34 -20.46
C PRO C 91 2.69 19.98 -19.96
N LEU C 92 2.70 20.40 -18.69
CA LEU C 92 3.89 21.00 -18.07
C LEU C 92 5.10 20.06 -18.14
N PHE C 93 4.91 18.83 -17.65
CA PHE C 93 5.96 17.81 -17.64
C PHE C 93 6.37 17.37 -19.05
N ALA C 94 5.47 17.52 -20.02
CA ALA C 94 5.76 17.23 -21.42
C ALA C 94 6.56 18.37 -22.07
N SER C 95 6.22 19.60 -21.71
CA SER C 95 6.89 20.80 -22.21
C SER C 95 8.29 20.97 -21.65
N LEU C 96 8.48 20.52 -20.41
CA LEU C 96 9.80 20.53 -19.76
C LEU C 96 10.73 19.52 -20.41
N GLN C 97 10.16 18.43 -20.92
CA GLN C 97 10.92 17.40 -21.63
C GLN C 97 11.39 17.94 -23.00
N SER C 98 10.47 18.58 -23.72
CA SER C 98 10.77 19.17 -25.03
C SER C 98 11.56 20.47 -24.93
N LYS C 99 11.53 21.09 -23.74
CA LYS C 99 12.21 22.35 -23.45
C LYS C 99 11.47 23.58 -23.98
N GLU C 100 10.20 23.41 -24.31
CA GLU C 100 9.33 24.53 -24.68
C GLU C 100 9.08 25.41 -23.46
N VAL C 101 9.03 24.78 -22.29
CA VAL C 101 9.02 25.47 -21.01
C VAL C 101 10.41 25.33 -20.39
N ASP C 102 10.98 26.46 -19.96
CA ASP C 102 12.34 26.51 -19.44
C ASP C 102 12.40 26.17 -17.96
N MET C 103 11.29 26.37 -17.27
CA MET C 103 11.25 26.27 -15.82
C MET C 103 9.84 25.98 -15.35
N GLY C 104 9.72 25.24 -14.26
CA GLY C 104 8.42 24.95 -13.66
C GLY C 104 8.40 25.18 -12.17
N ILE C 105 7.29 25.72 -11.70
CA ILE C 105 7.01 25.81 -10.26
C ILE C 105 5.52 25.53 -10.07
N SER C 106 5.23 24.34 -9.53
CA SER C 106 3.85 23.89 -9.42
C SER C 106 3.64 23.00 -8.19
N GLY C 107 4.28 23.38 -7.09
CA GLY C 107 4.27 22.58 -5.87
C GLY C 107 4.79 21.17 -6.14
N ILE C 108 5.84 21.09 -6.95
CA ILE C 108 6.34 19.81 -7.45
C ILE C 108 7.32 19.16 -6.48
N THR C 109 6.98 17.95 -6.06
CA THR C 109 7.82 17.15 -5.17
C THR C 109 9.06 16.64 -5.88
N ILE C 110 10.22 16.81 -5.23
CA ILE C 110 11.46 16.21 -5.67
C ILE C 110 11.38 14.70 -5.41
N THR C 111 11.52 13.91 -6.46
CA THR C 111 11.57 12.45 -6.35
C THR C 111 12.71 11.91 -7.20
N ASP C 112 13.18 10.72 -6.85
CA ASP C 112 14.27 10.06 -7.58
C ASP C 112 13.90 9.77 -9.04
N GLU C 113 12.65 9.39 -9.27
CA GLU C 113 12.18 9.08 -10.64
C GLU C 113 12.16 10.32 -11.53
N ARG C 114 11.62 11.43 -11.00
CA ARG C 114 11.59 12.71 -11.71
C ARG C 114 12.99 13.26 -11.95
N LYS C 115 13.90 13.01 -10.99
CA LYS C 115 15.29 13.44 -11.09
C LYS C 115 16.06 12.78 -12.23
N GLN C 116 15.50 11.68 -12.74
CA GLN C 116 16.08 10.97 -13.89
C GLN C 116 15.76 11.67 -15.21
N SER C 117 14.61 12.34 -15.28
CA SER C 117 14.18 13.02 -16.50
C SER C 117 14.31 14.54 -16.44
N TYR C 118 14.37 15.09 -15.22
CA TYR C 118 14.43 16.54 -15.03
C TYR C 118 15.43 16.92 -13.94
N ASP C 119 15.79 18.21 -13.90
CA ASP C 119 16.60 18.76 -12.82
C ASP C 119 15.73 19.56 -11.86
N PHE C 120 16.15 19.59 -10.59
CA PHE C 120 15.43 20.33 -9.57
C PHE C 120 16.32 21.37 -8.89
N SER C 121 15.68 22.39 -8.33
CA SER C 121 16.37 23.37 -7.51
C SER C 121 16.58 22.81 -6.11
N ASP C 122 17.24 23.58 -5.25
CA ASP C 122 17.27 23.25 -3.83
C ASP C 122 15.83 23.27 -3.32
N PRO C 123 15.48 22.36 -2.38
CA PRO C 123 14.11 22.36 -1.85
C PRO C 123 13.72 23.70 -1.26
N TYR C 124 12.48 24.11 -1.53
CA TYR C 124 11.95 25.38 -1.01
C TYR C 124 10.73 25.18 -0.11
N PHE C 125 10.31 23.94 0.06
CA PHE C 125 9.12 23.63 0.86
C PHE C 125 9.13 22.17 1.28
N GLU C 126 8.53 21.89 2.44
CA GLU C 126 8.31 20.51 2.88
C GLU C 126 6.82 20.21 2.99
N ALA C 127 6.45 19.01 2.58
CA ALA C 127 5.06 18.56 2.63
C ALA C 127 4.97 17.07 2.96
N THR C 128 3.74 16.59 3.03
CA THR C 128 3.45 15.16 3.15
C THR C 128 2.11 14.87 2.49
N GLN C 129 1.90 13.60 2.12
CA GLN C 129 0.60 13.17 1.61
C GLN C 129 -0.36 12.95 2.78
N VAL C 130 -1.58 13.47 2.63
CA VAL C 130 -2.64 13.26 3.60
C VAL C 130 -3.87 12.66 2.95
N ILE C 131 -4.78 12.15 3.77
CA ILE C 131 -6.04 11.60 3.28
C ILE C 131 -7.14 12.63 3.50
N LEU C 132 -7.83 12.98 2.42
CA LEU C 132 -8.96 13.90 2.50
C LEU C 132 -10.26 13.11 2.36
N VAL C 133 -11.16 13.29 3.32
CA VAL C 133 -12.44 12.59 3.36
C VAL C 133 -13.58 13.52 3.79
N LYS C 134 -14.82 13.08 3.61
CA LYS C 134 -15.97 13.74 4.21
C LYS C 134 -15.91 13.51 5.73
N GLN C 135 -16.45 14.45 6.50
CA GLN C 135 -16.43 14.35 7.97
C GLN C 135 -17.10 13.08 8.53
N GLY C 136 -18.00 12.49 7.74
CA GLY C 136 -18.68 11.26 8.14
C GLY C 136 -17.92 9.97 7.91
N SER C 137 -16.80 10.07 7.19
CA SER C 137 -16.00 8.91 6.80
C SER C 137 -15.48 8.07 7.97
N PRO C 138 -15.52 6.73 7.84
CA PRO C 138 -14.95 5.83 8.87
C PRO C 138 -13.42 5.75 8.83
N VAL C 139 -12.82 6.28 7.77
CA VAL C 139 -11.37 6.27 7.57
C VAL C 139 -10.61 6.93 8.74
N LYS C 140 -9.75 6.14 9.39
CA LYS C 140 -8.90 6.61 10.48
C LYS C 140 -7.44 6.68 10.04
N ASN C 141 -7.11 5.86 9.05
CA ASN C 141 -5.75 5.74 8.53
C ASN C 141 -5.78 5.25 7.08
N ALA C 142 -4.60 5.11 6.48
CA ALA C 142 -4.49 4.70 5.08
C ALA C 142 -4.91 3.26 4.82
N LEU C 143 -4.82 2.40 5.83
CA LEU C 143 -5.24 1.00 5.68
C LEU C 143 -6.76 0.84 5.58
N ASP C 144 -7.51 1.77 6.20
CA ASP C 144 -8.98 1.79 6.10
C ASP C 144 -9.47 2.03 4.68
N LEU C 145 -8.57 2.47 3.80
CA LEU C 145 -8.90 2.76 2.41
C LEU C 145 -8.81 1.55 1.49
N LYS C 146 -8.39 0.40 2.04
CA LYS C 146 -8.30 -0.82 1.26
C LYS C 146 -9.70 -1.29 0.86
N GLY C 147 -9.91 -1.45 -0.45
CA GLY C 147 -11.23 -1.80 -1.00
C GLY C 147 -12.09 -0.59 -1.30
N LYS C 148 -11.56 0.60 -1.05
CA LYS C 148 -12.28 1.85 -1.28
C LYS C 148 -11.69 2.61 -2.48
N THR C 149 -12.52 3.42 -3.13
CA THR C 149 -12.07 4.20 -4.28
C THR C 149 -11.42 5.50 -3.83
N ILE C 150 -10.24 5.79 -4.39
CA ILE C 150 -9.47 6.98 -4.04
C ILE C 150 -9.24 7.89 -5.24
N GLY C 151 -9.54 9.17 -5.06
CA GLY C 151 -9.27 10.19 -6.06
C GLY C 151 -7.91 10.82 -5.87
N VAL C 152 -7.10 10.75 -6.93
CA VAL C 152 -5.77 11.37 -6.93
C VAL C 152 -5.61 12.20 -8.19
N GLN C 153 -4.69 13.15 -8.17
CA GLN C 153 -4.29 13.83 -9.41
C GLN C 153 -3.32 12.95 -10.15
N ASN C 154 -3.50 12.85 -11.46
CA ASN C 154 -2.65 12.05 -12.33
C ASN C 154 -1.17 12.42 -12.17
N ALA C 155 -0.32 11.40 -12.20
CA ALA C 155 1.15 11.55 -12.16
C ALA C 155 1.65 12.39 -10.98
N THR C 156 1.17 12.06 -9.79
CA THR C 156 1.59 12.74 -8.56
C THR C 156 2.11 11.75 -7.52
N THR C 157 2.70 12.30 -6.47
CA THR C 157 3.15 11.50 -5.32
C THR C 157 1.96 10.97 -4.53
N GLY C 158 0.83 11.68 -4.64
CA GLY C 158 -0.44 11.21 -4.09
C GLY C 158 -0.90 9.93 -4.75
N GLN C 159 -0.75 9.88 -6.06
CA GLN C 159 -1.03 8.67 -6.85
C GLN C 159 0.00 7.59 -6.54
N GLU C 160 1.25 8.02 -6.37
CA GLU C 160 2.38 7.13 -6.10
C GLU C 160 2.16 6.32 -4.82
N ALA C 161 1.76 6.99 -3.75
CA ALA C 161 1.56 6.34 -2.45
C ALA C 161 0.24 5.57 -2.36
N ALA C 162 -0.75 5.97 -3.17
CA ALA C 162 -2.00 5.23 -3.29
C ALA C 162 -1.76 3.92 -4.03
N GLU C 163 -0.85 3.95 -5.00
CA GLU C 163 -0.47 2.75 -5.76
C GLU C 163 0.53 1.89 -4.98
N LYS C 164 1.19 2.49 -3.99
CA LYS C 164 2.14 1.77 -3.15
C LYS C 164 1.40 0.91 -2.11
N LEU C 165 0.33 1.46 -1.55
CA LEU C 165 -0.43 0.80 -0.49
C LEU C 165 -1.44 -0.23 -1.01
N PHE C 166 -2.01 0.05 -2.19
CA PHE C 166 -3.13 -0.74 -2.71
C PHE C 166 -2.91 -1.34 -4.09
N GLY C 167 -1.79 -0.96 -4.73
CA GLY C 167 -1.47 -1.43 -6.08
C GLY C 167 -2.18 -0.62 -7.14
N LYS C 168 -1.87 -0.89 -8.40
CA LYS C 168 -2.53 -0.23 -9.51
C LYS C 168 -3.86 -0.91 -9.83
N GLY C 169 -4.90 -0.11 -10.07
CA GLY C 169 -6.22 -0.66 -10.38
C GLY C 169 -7.32 0.38 -10.51
N PRO C 170 -8.54 -0.08 -10.83
CA PRO C 170 -9.71 0.80 -11.03
C PRO C 170 -10.14 1.56 -9.77
N HIS C 171 -9.66 1.14 -8.59
CA HIS C 171 -10.01 1.80 -7.33
C HIS C 171 -9.36 3.17 -7.21
N ILE C 172 -8.24 3.34 -7.90
CA ILE C 172 -7.56 4.62 -7.95
C ILE C 172 -8.06 5.38 -9.16
N LYS C 173 -8.76 6.49 -8.90
CA LYS C 173 -9.30 7.34 -9.94
C LYS C 173 -8.40 8.56 -10.11
N LYS C 174 -7.87 8.72 -11.32
CA LYS C 174 -6.88 9.75 -11.61
C LYS C 174 -7.51 10.91 -12.37
N PHE C 175 -7.23 12.13 -11.90
CA PHE C 175 -7.78 13.34 -12.49
C PHE C 175 -6.67 14.33 -12.86
N GLU C 176 -6.95 15.19 -13.83
CA GLU C 176 -5.96 16.13 -14.37
C GLU C 176 -5.57 17.21 -13.36
N THR C 177 -6.49 17.54 -12.47
CA THR C 177 -6.23 18.46 -11.37
C THR C 177 -6.61 17.84 -10.04
N THR C 178 -6.05 18.36 -8.95
CA THR C 178 -6.43 17.97 -7.61
C THR C 178 -7.82 18.53 -7.29
N VAL C 179 -8.12 19.71 -7.83
CA VAL C 179 -9.43 20.35 -7.70
C VAL C 179 -10.57 19.39 -8.07
N VAL C 180 -10.45 18.75 -9.23
CA VAL C 180 -11.46 17.81 -9.72
C VAL C 180 -11.57 16.54 -8.86
N ALA C 181 -10.43 16.10 -8.31
CA ALA C 181 -10.42 14.97 -7.37
C ALA C 181 -11.27 15.28 -6.13
N ILE C 182 -11.10 16.49 -5.60
CA ILE C 182 -11.86 16.95 -4.44
C ILE C 182 -13.36 17.06 -4.77
N MET C 183 -13.66 17.50 -6.00
CA MET C 183 -15.04 17.56 -6.48
C MET C 183 -15.68 16.18 -6.64
N GLU C 184 -14.86 15.17 -6.93
CA GLU C 184 -15.33 13.78 -6.96
C GLU C 184 -15.49 13.21 -5.56
N LEU C 185 -14.81 13.81 -4.59
CA LEU C 185 -14.98 13.47 -3.19
C LEU C 185 -16.28 14.06 -2.65
N LEU C 186 -16.59 15.29 -3.05
CA LEU C 186 -17.80 15.99 -2.60
C LEU C 186 -19.07 15.33 -3.10
N ASN C 187 -19.07 14.89 -4.37
CA ASN C 187 -20.25 14.30 -4.98
C ASN C 187 -20.40 12.79 -4.74
N GLY C 188 -19.43 12.21 -4.04
CA GLY C 188 -19.48 10.79 -3.70
C GLY C 188 -18.87 9.85 -4.74
N GLY C 189 -18.20 10.43 -5.73
CA GLY C 189 -17.52 9.64 -6.77
C GLY C 189 -16.36 8.83 -6.20
N VAL C 190 -15.63 9.44 -5.27
CA VAL C 190 -14.56 8.75 -4.56
C VAL C 190 -14.79 8.78 -3.05
N ASP C 191 -14.18 7.83 -2.34
CA ASP C 191 -14.28 7.75 -0.88
C ASP C 191 -13.27 8.66 -0.19
N ALA C 192 -12.12 8.84 -0.85
CA ALA C 192 -11.04 9.65 -0.30
C ALA C 192 -10.20 10.29 -1.38
N VAL C 193 -9.47 11.33 -1.00
CA VAL C 193 -8.50 11.97 -1.88
C VAL C 193 -7.15 12.01 -1.18
N ILE C 194 -6.10 11.54 -1.86
CA ILE C 194 -4.75 11.71 -1.36
C ILE C 194 -4.03 12.83 -2.12
N THR C 195 -3.71 13.89 -1.40
CA THR C 195 -2.97 15.03 -1.93
C THR C 195 -2.07 15.62 -0.84
N ASP C 196 -1.32 16.65 -1.21
CA ASP C 196 -0.39 17.34 -0.30
C ASP C 196 -1.12 17.99 0.88
N ASN C 197 -0.46 17.99 2.03
CA ASN C 197 -1.07 18.42 3.29
C ASN C 197 -1.55 19.86 3.36
N ALA C 198 -0.74 20.79 2.82
CA ALA C 198 -1.06 22.21 2.87
C ALA C 198 -2.23 22.57 1.94
N VAL C 199 -2.41 21.76 0.90
CA VAL C 199 -3.52 21.94 -0.06
C VAL C 199 -4.85 21.48 0.55
N ALA C 200 -4.84 20.28 1.10
CA ALA C 200 -6.01 19.72 1.79
C ALA C 200 -6.41 20.57 3.00
N ASN C 201 -5.43 21.00 3.78
CA ASN C 201 -5.65 21.94 4.90
C ASN C 201 -6.23 23.26 4.42
N GLU C 202 -5.78 23.73 3.25
CA GLU C 202 -6.27 24.96 2.66
C GLU C 202 -7.71 24.85 2.17
N TYR C 203 -8.06 23.70 1.60
CA TYR C 203 -9.43 23.48 1.13
C TYR C 203 -10.41 23.38 2.31
N VAL C 204 -10.01 22.64 3.34
CA VAL C 204 -10.85 22.46 4.53
C VAL C 204 -11.11 23.77 5.24
N LYS C 205 -10.04 24.56 5.45
CA LYS C 205 -10.15 25.82 6.17
C LYS C 205 -10.94 26.88 5.39
N ASN C 206 -10.86 26.82 4.06
CA ASN C 206 -11.59 27.73 3.18
C ASN C 206 -13.00 27.23 2.84
N ASN C 207 -13.26 25.95 3.05
CA ASN C 207 -14.57 25.37 2.76
C ASN C 207 -15.13 24.54 3.92
N PRO C 208 -15.47 25.21 5.06
CA PRO C 208 -16.02 24.47 6.19
C PRO C 208 -17.44 23.98 5.92
N ASN C 209 -18.13 24.65 5.01
CA ASN C 209 -19.48 24.30 4.58
CA ASN C 209 -19.48 24.28 4.61
C ASN C 209 -19.54 22.97 3.83
N LYS C 210 -18.40 22.55 3.31
CA LYS C 210 -18.31 21.30 2.56
C LYS C 210 -18.12 20.09 3.48
N LYS C 211 -17.76 20.37 4.74
CA LYS C 211 -17.62 19.36 5.79
C LYS C 211 -16.65 18.23 5.43
N LEU C 212 -15.41 18.62 5.09
CA LEU C 212 -14.35 17.66 4.82
C LEU C 212 -13.34 17.69 5.95
N GLN C 213 -12.67 16.55 6.18
CA GLN C 213 -11.61 16.49 7.18
C GLN C 213 -10.30 15.92 6.62
N VAL C 214 -9.20 16.39 7.18
CA VAL C 214 -7.87 15.92 6.80
C VAL C 214 -7.42 14.81 7.75
N ILE C 215 -7.19 13.63 7.19
CA ILE C 215 -6.66 12.50 7.94
C ILE C 215 -5.18 12.34 7.60
N GLU C 216 -4.33 12.50 8.60
CA GLU C 216 -2.89 12.42 8.41
C GLU C 216 -2.36 11.09 8.92
N ASP C 217 -1.53 10.44 8.11
CA ASP C 217 -0.97 9.15 8.46
C ASP C 217 0.56 9.19 8.34
N PRO C 218 1.25 9.65 9.40
CA PRO C 218 2.71 9.83 9.39
C PRO C 218 3.47 8.51 9.27
N LYS C 219 2.82 7.41 9.65
CA LYS C 219 3.41 6.09 9.52
C LYS C 219 3.47 5.65 8.06
N ASN C 220 2.38 5.88 7.33
CA ASN C 220 2.24 5.43 5.94
C ASN C 220 2.69 6.45 4.89
N PHE C 221 2.84 7.71 5.29
CA PHE C 221 3.29 8.76 4.36
C PHE C 221 4.56 9.47 4.87
N ALA C 222 5.57 9.54 4.00
CA ALA C 222 6.88 10.09 4.37
C ALA C 222 7.02 11.56 3.99
N SER C 223 8.13 12.17 4.43
CA SER C 223 8.45 13.56 4.09
C SER C 223 8.64 13.76 2.60
N GLU C 224 8.15 14.89 2.11
CA GLU C 224 8.32 15.31 0.71
C GLU C 224 8.82 16.73 0.68
N TYR C 225 9.59 17.06 -0.34
CA TYR C 225 10.11 18.42 -0.50
C TYR C 225 9.84 18.95 -1.89
N TYR C 226 9.36 20.19 -1.96
CA TYR C 226 9.10 20.83 -3.26
C TYR C 226 10.37 21.39 -3.86
N GLY C 227 10.46 21.32 -5.18
CA GLY C 227 11.57 21.92 -5.90
C GLY C 227 11.08 22.60 -7.17
N MET C 228 11.76 23.68 -7.55
CA MET C 228 11.54 24.27 -8.86
C MET C 228 12.19 23.35 -9.88
N ILE C 229 11.48 23.10 -10.98
CA ILE C 229 11.88 22.09 -11.95
C ILE C 229 12.45 22.70 -13.23
N PHE C 230 13.41 21.99 -13.83
CA PHE C 230 14.11 22.43 -15.03
C PHE C 230 14.29 21.24 -15.97
N PRO C 231 14.43 21.50 -17.28
CA PRO C 231 14.93 20.46 -18.18
C PRO C 231 16.33 20.06 -17.75
N LYS C 232 16.71 18.82 -18.06
CA LYS C 232 18.03 18.31 -17.67
C LYS C 232 19.15 19.17 -18.27
N ASN C 233 20.19 19.38 -17.46
CA ASN C 233 21.36 20.20 -17.81
C ASN C 233 21.04 21.69 -18.03
N SER C 234 19.92 22.16 -17.48
CA SER C 234 19.54 23.57 -17.61
C SER C 234 20.52 24.48 -16.87
N GLU C 235 20.82 25.62 -17.50
CA GLU C 235 21.74 26.62 -16.97
C GLU C 235 21.05 27.56 -15.98
N LEU C 236 19.72 27.45 -15.88
CA LEU C 236 18.93 28.27 -14.97
C LEU C 236 19.01 27.78 -13.53
N LYS C 237 19.16 26.47 -13.36
CA LYS C 237 19.17 25.83 -12.03
C LYS C 237 20.16 26.50 -11.07
N ALA C 238 21.37 26.75 -11.55
CA ALA C 238 22.41 27.36 -10.72
C ALA C 238 22.05 28.77 -10.28
N LYS C 239 21.43 29.52 -11.18
CA LYS C 239 21.02 30.90 -10.92
C LYS C 239 19.85 30.95 -9.94
N VAL C 240 18.90 30.04 -10.10
CA VAL C 240 17.73 29.93 -9.24
C VAL C 240 18.13 29.49 -7.81
N ASP C 241 19.00 28.49 -7.72
CA ASP C 241 19.54 28.03 -6.44
C ASP C 241 20.21 29.17 -5.67
N GLU C 242 21.07 29.91 -6.35
CA GLU C 242 21.72 31.09 -5.81
C GLU C 242 20.67 32.14 -5.40
N ALA C 243 19.69 32.36 -6.28
CA ALA C 243 18.62 33.34 -6.04
C ALA C 243 17.72 32.97 -4.87
N LEU C 244 17.41 31.67 -4.74
CA LEU C 244 16.60 31.17 -3.63
C LEU C 244 17.28 31.41 -2.29
N LYS C 245 18.59 31.22 -2.26
CA LYS C 245 19.39 31.51 -1.06
C LYS C 245 19.29 32.99 -0.68
N ASN C 246 19.42 33.85 -1.68
CA ASN C 246 19.26 35.31 -1.51
C ASN C 246 17.89 35.70 -0.97
N VAL C 247 16.85 35.02 -1.45
CA VAL C 247 15.47 35.27 -1.02
C VAL C 247 15.23 34.81 0.43
N ILE C 248 15.84 33.68 0.80
CA ILE C 248 15.76 33.16 2.17
C ILE C 248 16.58 34.03 3.14
N ASN C 249 17.80 34.37 2.73
CA ASN C 249 18.72 35.15 3.59
C ASN C 249 18.24 36.56 3.92
N SER C 250 17.59 37.22 2.96
CA SER C 250 17.10 38.58 3.15
C SER C 250 15.83 38.63 3.99
N GLY C 251 15.18 37.48 4.14
CA GLY C 251 13.95 37.37 4.91
C GLY C 251 12.72 37.39 4.03
N LYS C 252 12.94 37.50 2.72
CA LYS C 252 11.85 37.59 1.75
C LYS C 252 11.00 36.33 1.72
N TYR C 253 11.65 35.16 1.74
CA TYR C 253 10.97 33.87 1.79
C TYR C 253 10.01 33.81 2.98
N THR C 254 10.53 34.13 4.16
CA THR C 254 9.77 34.08 5.41
C THR C 254 8.59 35.06 5.42
N GLU C 255 8.74 36.17 4.70
CA GLU C 255 7.66 37.15 4.51
C GLU C 255 6.53 36.58 3.65
N ILE C 256 6.90 35.91 2.57
CA ILE C 256 5.95 35.25 1.68
C ILE C 256 5.28 34.07 2.39
N TYR C 257 6.08 33.33 3.16
CA TYR C 257 5.59 32.18 3.92
C TYR C 257 4.56 32.60 4.97
N LYS C 258 4.83 33.70 5.67
CA LYS C 258 3.90 34.26 6.66
C LYS C 258 2.58 34.69 6.01
N LYS C 259 2.67 35.27 4.81
CA LYS C 259 1.49 35.71 4.07
C LYS C 259 0.52 34.56 3.77
N TRP C 260 1.06 33.45 3.30
CA TRP C 260 0.24 32.33 2.81
C TRP C 260 -0.07 31.28 3.88
N PHE C 261 0.71 31.26 4.96
CA PHE C 261 0.58 30.22 5.98
C PHE C 261 0.47 30.73 7.42
N GLY C 262 0.55 32.05 7.60
CA GLY C 262 0.28 32.69 8.88
C GLY C 262 1.16 32.31 10.05
N LYS C 263 2.30 31.68 9.76
CA LYS C 263 3.24 31.27 10.80
C LYS C 263 4.69 31.40 10.33
N GLU C 264 5.60 31.45 11.30
CA GLU C 264 7.03 31.42 11.03
C GLU C 264 7.43 30.06 10.46
N PRO C 265 8.16 30.05 9.34
CA PRO C 265 8.65 28.80 8.79
C PRO C 265 9.79 28.24 9.62
N LYS C 266 9.97 26.92 9.55
CA LYS C 266 11.16 26.29 10.09
C LYS C 266 12.11 26.04 8.93
N LEU C 267 13.10 26.92 8.80
CA LEU C 267 14.00 26.93 7.65
C LEU C 267 14.96 25.74 7.60
N ASP C 268 15.16 25.06 8.73
CA ASP C 268 16.00 23.87 8.78
C ASP C 268 15.43 22.71 7.96
N ARG C 269 14.16 22.82 7.58
CA ARG C 269 13.49 21.85 6.71
C ARG C 269 13.98 21.99 5.27
N LEU C 270 14.67 23.08 4.98
CA LEU C 270 15.21 23.33 3.64
C LEU C 270 16.68 22.89 3.53
N LYS C 271 17.23 22.44 4.65
CA LYS C 271 18.62 21.98 4.70
C LYS C 271 18.73 20.48 5.00
N GLN C 272 17.65 19.74 4.72
CA GLN C 272 17.63 18.28 4.92
C GLN C 272 18.20 17.54 3.72
N LYS D 42 -48.04 11.79 5.49
CA LYS D 42 -46.79 11.23 4.89
C LYS D 42 -46.52 11.85 3.53
N LYS D 43 -45.35 12.49 3.40
CA LYS D 43 -44.97 13.16 2.16
C LYS D 43 -44.26 12.21 1.20
N VAL D 44 -44.51 12.42 -0.09
CA VAL D 44 -43.82 11.67 -1.15
C VAL D 44 -42.35 12.09 -1.19
N VAL D 45 -41.45 11.10 -1.24
CA VAL D 45 -40.03 11.38 -1.29
C VAL D 45 -39.54 11.34 -2.74
N VAL D 46 -39.28 12.52 -3.31
CA VAL D 46 -38.75 12.62 -4.66
C VAL D 46 -37.25 12.88 -4.62
N GLY D 47 -36.49 12.04 -5.31
CA GLY D 47 -35.04 12.17 -5.40
C GLY D 47 -34.59 12.84 -6.69
N THR D 48 -33.54 13.64 -6.59
CA THR D 48 -32.95 14.29 -7.76
C THR D 48 -31.43 14.49 -7.61
N ASP D 49 -30.73 14.51 -8.74
CA ASP D 49 -29.31 14.88 -8.74
C ASP D 49 -29.17 16.30 -9.28
N ALA D 50 -29.08 17.27 -8.36
CA ALA D 50 -29.10 18.69 -8.72
C ALA D 50 -27.76 19.22 -9.23
N ALA D 51 -27.27 18.58 -10.28
CA ALA D 51 -26.06 19.00 -10.98
C ALA D 51 -26.24 18.72 -12.47
N PHE D 52 -27.31 19.28 -13.03
CA PHE D 52 -27.76 18.97 -14.38
C PHE D 52 -28.62 20.10 -14.93
N ALA D 53 -28.10 21.33 -14.87
CA ALA D 53 -28.77 22.51 -15.44
C ALA D 53 -29.00 22.32 -16.94
N PRO D 54 -30.16 22.78 -17.45
CA PRO D 54 -31.21 23.57 -16.80
C PRO D 54 -32.32 22.77 -16.08
N PHE D 55 -32.16 21.45 -15.98
CA PHE D 55 -33.22 20.60 -15.42
C PHE D 55 -33.24 20.59 -13.89
N GLU D 56 -32.06 20.40 -13.28
CA GLU D 56 -31.92 20.51 -11.82
C GLU D 56 -30.51 20.92 -11.41
N TYR D 57 -30.42 22.02 -10.68
CA TYR D 57 -29.15 22.53 -10.18
C TYR D 57 -29.37 23.40 -8.94
N MET D 58 -28.27 23.75 -8.27
CA MET D 58 -28.34 24.61 -7.09
C MET D 58 -28.20 26.08 -7.46
N GLN D 59 -28.95 26.92 -6.78
CA GLN D 59 -28.85 28.37 -6.92
C GLN D 59 -29.26 29.01 -5.61
N LYS D 60 -28.29 29.62 -4.94
CA LYS D 60 -28.48 30.24 -3.61
C LYS D 60 -28.92 29.22 -2.54
N GLY D 61 -28.49 27.98 -2.71
CA GLY D 61 -28.79 26.90 -1.76
C GLY D 61 -30.13 26.22 -1.96
N LYS D 62 -30.78 26.52 -3.09
CA LYS D 62 -32.09 25.97 -3.43
C LYS D 62 -31.99 25.14 -4.72
N ILE D 63 -32.78 24.07 -4.80
CA ILE D 63 -32.84 23.27 -6.03
C ILE D 63 -33.81 23.93 -7.00
N VAL D 64 -33.29 24.36 -8.15
CA VAL D 64 -34.09 24.99 -9.21
C VAL D 64 -33.93 24.27 -10.54
N GLY D 65 -34.82 24.55 -11.49
CA GLY D 65 -34.72 23.97 -12.81
C GLY D 65 -36.05 23.62 -13.46
N PHE D 66 -35.99 23.14 -14.71
CA PHE D 66 -37.15 22.74 -15.49
C PHE D 66 -37.91 21.59 -14.84
N ASP D 67 -37.16 20.59 -14.35
CA ASP D 67 -37.73 19.44 -13.66
C ASP D 67 -38.35 19.85 -12.33
N VAL D 68 -37.72 20.81 -11.65
CA VAL D 68 -38.21 21.29 -10.36
C VAL D 68 -39.57 21.97 -10.51
N ASP D 69 -39.70 22.81 -11.52
CA ASP D 69 -40.96 23.50 -11.81
C ASP D 69 -42.02 22.52 -12.30
N LEU D 70 -41.64 21.61 -13.19
CA LEU D 70 -42.56 20.62 -13.71
C LEU D 70 -43.08 19.70 -12.61
N LEU D 71 -42.19 19.25 -11.74
CA LEU D 71 -42.56 18.41 -10.59
C LEU D 71 -43.60 19.12 -9.72
N ASP D 72 -43.34 20.38 -9.38
CA ASP D 72 -44.25 21.17 -8.56
C ASP D 72 -45.65 21.20 -9.15
N ALA D 73 -45.74 21.46 -10.46
CA ALA D 73 -47.01 21.47 -11.17
C ALA D 73 -47.65 20.08 -11.19
N VAL D 74 -46.85 19.07 -11.53
CA VAL D 74 -47.31 17.68 -11.59
C VAL D 74 -47.86 17.20 -10.24
N MET D 75 -47.12 17.44 -9.16
CA MET D 75 -47.52 16.97 -7.83
C MET D 75 -48.71 17.74 -7.24
N LYS D 76 -48.84 19.02 -7.60
CA LYS D 76 -49.96 19.83 -7.13
C LYS D 76 -51.25 19.47 -7.87
N ALA D 77 -51.15 19.14 -9.15
CA ALA D 77 -52.28 18.65 -9.92
C ALA D 77 -52.62 17.21 -9.54
N ALA D 78 -51.64 16.51 -8.96
CA ALA D 78 -51.82 15.14 -8.49
C ALA D 78 -52.38 15.11 -7.08
N GLY D 79 -52.34 16.26 -6.41
CA GLY D 79 -52.79 16.39 -5.02
C GLY D 79 -51.90 15.61 -4.06
N LEU D 80 -50.60 15.66 -4.29
CA LEU D 80 -49.63 14.92 -3.48
C LEU D 80 -48.60 15.84 -2.84
N ASP D 81 -48.52 15.79 -1.50
CA ASP D 81 -47.47 16.49 -0.77
C ASP D 81 -46.16 15.76 -1.00
N TYR D 82 -45.08 16.51 -1.20
CA TYR D 82 -43.80 15.90 -1.54
C TYR D 82 -42.62 16.68 -0.96
N GLU D 83 -41.50 15.97 -0.83
CA GLU D 83 -40.22 16.57 -0.49
C GLU D 83 -39.25 16.28 -1.62
N LEU D 84 -38.55 17.30 -2.09
CA LEU D 84 -37.51 17.12 -3.09
C LEU D 84 -36.13 17.02 -2.43
N LYS D 85 -35.53 15.84 -2.54
CA LYS D 85 -34.20 15.60 -1.99
C LYS D 85 -33.13 15.55 -3.09
N ASN D 86 -32.05 16.30 -2.88
CA ASN D 86 -30.87 16.22 -3.73
C ASN D 86 -29.98 15.07 -3.26
N ILE D 87 -30.16 13.92 -3.89
CA ILE D 87 -29.54 12.68 -3.43
C ILE D 87 -28.32 12.26 -4.27
N GLY D 88 -28.31 12.61 -5.55
CA GLY D 88 -27.21 12.25 -6.42
C GLY D 88 -27.55 11.06 -7.30
N TRP D 89 -26.83 10.93 -8.41
CA TRP D 89 -27.19 10.05 -9.51
C TRP D 89 -27.29 8.56 -9.16
N ASP D 90 -26.18 7.97 -8.72
CA ASP D 90 -26.14 6.55 -8.38
C ASP D 90 -26.91 6.17 -7.10
N PRO D 91 -26.80 6.99 -6.02
CA PRO D 91 -27.63 6.74 -4.84
C PRO D 91 -29.13 6.78 -5.15
N LEU D 92 -29.55 7.72 -6.00
CA LEU D 92 -30.94 7.85 -6.42
C LEU D 92 -31.50 6.53 -6.97
N PHE D 93 -30.76 5.92 -7.88
CA PHE D 93 -31.17 4.65 -8.49
C PHE D 93 -31.14 3.48 -7.51
N ALA D 94 -30.19 3.52 -6.57
CA ALA D 94 -30.12 2.52 -5.51
C ALA D 94 -31.29 2.67 -4.53
N SER D 95 -31.65 3.92 -4.25
CA SER D 95 -32.77 4.25 -3.36
C SER D 95 -34.13 3.96 -3.99
N LEU D 96 -34.20 4.01 -5.31
CA LEU D 96 -35.44 3.68 -6.04
C LEU D 96 -35.69 2.18 -6.05
N GLN D 97 -34.62 1.40 -6.17
CA GLN D 97 -34.71 -0.06 -6.09
C GLN D 97 -35.13 -0.53 -4.70
N SER D 98 -34.58 0.11 -3.68
CA SER D 98 -34.90 -0.21 -2.28
C SER D 98 -36.24 0.39 -1.84
N LYS D 99 -36.73 1.36 -2.62
CA LYS D 99 -38.00 2.06 -2.37
C LYS D 99 -37.92 3.12 -1.25
N GLU D 100 -36.70 3.49 -0.86
CA GLU D 100 -36.50 4.58 0.09
C GLU D 100 -36.88 5.92 -0.54
N VAL D 101 -36.80 5.96 -1.87
CA VAL D 101 -37.26 7.09 -2.66
C VAL D 101 -38.44 6.61 -3.50
N ASP D 102 -39.57 7.32 -3.40
CA ASP D 102 -40.82 6.91 -4.02
C ASP D 102 -40.91 7.34 -5.48
N MET D 103 -40.09 8.32 -5.84
CA MET D 103 -40.18 8.96 -7.14
C MET D 103 -38.87 9.66 -7.47
N GLY D 104 -38.59 9.81 -8.75
CA GLY D 104 -37.41 10.53 -9.19
C GLY D 104 -37.69 11.43 -10.37
N ILE D 105 -37.12 12.62 -10.33
CA ILE D 105 -37.07 13.51 -11.50
C ILE D 105 -35.66 14.09 -11.58
N SER D 106 -34.89 13.63 -12.57
CA SER D 106 -33.48 13.96 -12.67
C SER D 106 -32.99 13.92 -14.11
N GLY D 107 -33.82 14.40 -15.03
CA GLY D 107 -33.52 14.37 -16.46
C GLY D 107 -33.24 12.95 -16.93
N ILE D 108 -34.02 12.01 -16.42
CA ILE D 108 -33.78 10.58 -16.64
C ILE D 108 -34.38 10.12 -17.96
N THR D 109 -33.54 9.54 -18.80
CA THR D 109 -33.94 8.98 -20.09
C THR D 109 -34.59 7.62 -19.92
N ILE D 110 -35.71 7.42 -20.61
CA ILE D 110 -36.39 6.14 -20.63
C ILE D 110 -35.64 5.17 -21.54
N THR D 111 -35.23 4.03 -20.99
CA THR D 111 -34.56 2.98 -21.74
C THR D 111 -35.15 1.62 -21.39
N ASP D 112 -35.09 0.68 -22.33
CA ASP D 112 -35.59 -0.68 -22.16
C ASP D 112 -34.96 -1.41 -20.96
N GLU D 113 -33.68 -1.17 -20.72
CA GLU D 113 -32.97 -1.79 -19.60
C GLU D 113 -33.41 -1.24 -18.24
N ARG D 114 -33.51 0.07 -18.13
CA ARG D 114 -34.04 0.73 -16.93
C ARG D 114 -35.50 0.38 -16.68
N LYS D 115 -36.26 0.17 -17.77
CA LYS D 115 -37.66 -0.26 -17.70
C LYS D 115 -37.85 -1.60 -17.02
N GLN D 116 -36.80 -2.44 -17.03
CA GLN D 116 -36.82 -3.72 -16.33
C GLN D 116 -36.87 -3.52 -14.81
N SER D 117 -36.10 -2.55 -14.32
CA SER D 117 -35.95 -2.31 -12.89
C SER D 117 -36.94 -1.28 -12.35
N TYR D 118 -37.31 -0.32 -13.20
CA TYR D 118 -38.11 0.81 -12.76
C TYR D 118 -39.33 1.04 -13.65
N ASP D 119 -40.31 1.74 -13.09
CA ASP D 119 -41.42 2.25 -13.88
C ASP D 119 -41.16 3.71 -14.25
N PHE D 120 -41.56 4.06 -15.46
CA PHE D 120 -41.43 5.43 -15.94
C PHE D 120 -42.80 6.04 -16.20
N SER D 121 -42.90 7.36 -16.01
CA SER D 121 -44.09 8.10 -16.39
C SER D 121 -44.11 8.26 -17.90
N ASP D 122 -45.22 8.76 -18.45
CA ASP D 122 -45.25 9.18 -19.84
C ASP D 122 -44.13 10.20 -20.05
N PRO D 123 -43.52 10.21 -21.25
CA PRO D 123 -42.38 11.11 -21.47
C PRO D 123 -42.78 12.57 -21.35
N TYR D 124 -41.83 13.40 -20.90
CA TYR D 124 -42.10 14.83 -20.74
C TYR D 124 -41.08 15.71 -21.46
N PHE D 125 -40.10 15.10 -22.11
CA PHE D 125 -39.02 15.83 -22.76
C PHE D 125 -38.30 14.94 -23.77
N GLU D 126 -37.92 15.53 -24.91
CA GLU D 126 -37.10 14.82 -25.89
C GLU D 126 -35.68 15.37 -25.92
N ALA D 127 -34.72 14.47 -26.01
CA ALA D 127 -33.30 14.82 -26.00
C ALA D 127 -32.49 13.89 -26.90
N THR D 128 -31.20 14.20 -27.00
CA THR D 128 -30.24 13.34 -27.70
C THR D 128 -28.87 13.55 -27.07
N GLN D 129 -27.98 12.58 -27.25
CA GLN D 129 -26.60 12.73 -26.81
C GLN D 129 -25.83 13.58 -27.81
N VAL D 130 -24.97 14.45 -27.29
CA VAL D 130 -24.11 15.30 -28.12
C VAL D 130 -22.68 15.26 -27.63
N ILE D 131 -21.76 15.76 -28.46
CA ILE D 131 -20.35 15.85 -28.09
C ILE D 131 -20.01 17.27 -27.65
N LEU D 132 -19.52 17.39 -26.41
CA LEU D 132 -19.03 18.65 -25.89
C LEU D 132 -17.51 18.67 -25.95
N VAL D 133 -16.96 19.67 -26.63
CA VAL D 133 -15.52 19.82 -26.81
C VAL D 133 -15.08 21.28 -26.71
N LYS D 134 -13.77 21.50 -26.60
CA LYS D 134 -13.19 22.83 -26.70
C LYS D 134 -13.27 23.31 -28.15
N GLN D 135 -13.53 24.60 -28.34
CA GLN D 135 -13.74 25.18 -29.68
C GLN D 135 -12.61 24.97 -30.70
N GLY D 136 -11.47 24.45 -30.26
CA GLY D 136 -10.37 24.15 -31.16
C GLY D 136 -10.19 22.67 -31.45
N SER D 137 -11.19 21.87 -31.08
CA SER D 137 -11.14 20.42 -31.28
C SER D 137 -11.32 20.02 -32.74
N PRO D 138 -10.56 18.99 -33.19
CA PRO D 138 -10.73 18.44 -34.53
C PRO D 138 -11.95 17.51 -34.68
N VAL D 139 -12.72 17.34 -33.60
CA VAL D 139 -13.88 16.46 -33.61
C VAL D 139 -15.05 17.08 -34.39
N LYS D 140 -15.46 16.39 -35.46
CA LYS D 140 -16.56 16.82 -36.32
C LYS D 140 -17.77 15.89 -36.19
N ASN D 141 -17.53 14.68 -35.66
CA ASN D 141 -18.55 13.66 -35.46
C ASN D 141 -18.09 12.64 -34.41
N ALA D 142 -18.99 11.73 -34.04
CA ALA D 142 -18.69 10.68 -33.05
C ALA D 142 -17.48 9.83 -33.41
N LEU D 143 -17.33 9.50 -34.69
CA LEU D 143 -16.22 8.66 -35.17
C LEU D 143 -14.85 9.32 -35.03
N ASP D 144 -14.82 10.66 -34.92
CA ASP D 144 -13.58 11.40 -34.70
C ASP D 144 -13.06 11.24 -33.26
N LEU D 145 -13.85 10.56 -32.43
CA LEU D 145 -13.49 10.32 -31.04
C LEU D 145 -12.80 8.96 -30.84
N LYS D 146 -12.44 8.31 -31.94
CA LYS D 146 -11.71 7.05 -31.89
C LYS D 146 -10.28 7.29 -31.38
N GLY D 147 -9.90 6.52 -30.37
CA GLY D 147 -8.57 6.67 -29.76
C GLY D 147 -8.43 7.88 -28.86
N LYS D 148 -9.55 8.58 -28.63
CA LYS D 148 -9.58 9.74 -27.75
C LYS D 148 -10.18 9.36 -26.40
N THR D 149 -10.00 10.23 -25.40
CA THR D 149 -10.55 10.01 -24.07
C THR D 149 -11.85 10.79 -23.89
N ILE D 150 -12.90 10.09 -23.50
CA ILE D 150 -14.24 10.68 -23.40
C ILE D 150 -14.73 10.69 -21.95
N GLY D 151 -15.09 11.88 -21.48
CA GLY D 151 -15.64 12.05 -20.14
C GLY D 151 -17.14 11.93 -20.12
N VAL D 152 -17.65 10.93 -19.41
CA VAL D 152 -19.09 10.74 -19.23
C VAL D 152 -19.46 10.71 -17.76
N GLN D 153 -20.73 10.92 -17.47
CA GLN D 153 -21.26 10.67 -16.13
C GLN D 153 -21.58 9.18 -16.02
N ASN D 154 -21.26 8.59 -14.86
CA ASN D 154 -21.51 7.18 -14.59
C ASN D 154 -22.96 6.78 -14.82
N ALA D 155 -23.16 5.60 -15.41
CA ALA D 155 -24.48 5.01 -15.63
C ALA D 155 -25.48 5.96 -16.30
N THR D 156 -25.07 6.54 -17.43
CA THR D 156 -25.94 7.39 -18.25
C THR D 156 -26.01 6.86 -19.67
N THR D 157 -26.96 7.39 -20.46
CA THR D 157 -27.08 7.06 -21.88
C THR D 157 -25.91 7.61 -22.71
N GLY D 158 -25.22 8.62 -22.16
CA GLY D 158 -24.00 9.14 -22.76
C GLY D 158 -22.86 8.15 -22.66
N GLN D 159 -22.75 7.51 -21.50
CA GLN D 159 -21.80 6.42 -21.27
C GLN D 159 -22.13 5.24 -22.17
N GLU D 160 -23.42 4.92 -22.26
CA GLU D 160 -23.94 3.85 -23.09
C GLU D 160 -23.55 4.04 -24.55
N ALA D 161 -23.75 5.26 -25.04
CA ALA D 161 -23.43 5.61 -26.43
C ALA D 161 -21.92 5.53 -26.71
N ALA D 162 -21.13 6.02 -25.77
CA ALA D 162 -19.67 6.01 -25.87
C ALA D 162 -19.13 4.58 -25.90
N GLU D 163 -19.75 3.69 -25.14
CA GLU D 163 -19.36 2.28 -25.09
C GLU D 163 -19.84 1.50 -26.31
N LYS D 164 -20.96 1.92 -26.89
CA LYS D 164 -21.52 1.29 -28.08
C LYS D 164 -20.63 1.52 -29.31
N LEU D 165 -20.03 2.72 -29.37
CA LEU D 165 -19.21 3.11 -30.50
C LEU D 165 -17.75 2.69 -30.36
N PHE D 166 -17.23 2.74 -29.14
CA PHE D 166 -15.80 2.59 -28.89
C PHE D 166 -15.44 1.43 -27.97
N GLY D 167 -16.46 0.86 -27.31
CA GLY D 167 -16.25 -0.27 -26.40
C GLY D 167 -15.90 0.18 -24.99
N LYS D 168 -15.96 -0.76 -24.04
CA LYS D 168 -15.60 -0.49 -22.66
C LYS D 168 -14.09 -0.41 -22.51
N GLY D 169 -13.63 0.42 -21.57
CA GLY D 169 -12.20 0.57 -21.31
C GLY D 169 -11.81 1.88 -20.67
N PRO D 170 -10.49 2.10 -20.46
CA PRO D 170 -9.96 3.27 -19.77
C PRO D 170 -10.22 4.60 -20.47
N HIS D 171 -10.35 4.55 -21.80
CA HIS D 171 -10.60 5.73 -22.62
C HIS D 171 -11.90 6.44 -22.26
N ILE D 172 -12.82 5.70 -21.64
CA ILE D 172 -14.06 6.27 -21.16
C ILE D 172 -13.90 6.55 -19.67
N LYS D 173 -14.00 7.82 -19.31
CA LYS D 173 -13.82 8.27 -17.94
C LYS D 173 -15.18 8.61 -17.35
N LYS D 174 -15.54 7.88 -16.28
CA LYS D 174 -16.85 8.02 -15.66
C LYS D 174 -16.77 8.89 -14.41
N PHE D 175 -17.69 9.84 -14.31
CA PHE D 175 -17.77 10.75 -13.18
C PHE D 175 -19.17 10.73 -12.57
N GLU D 176 -19.27 11.05 -11.29
CA GLU D 176 -20.54 11.01 -10.58
C GLU D 176 -21.51 12.11 -11.02
N THR D 177 -20.96 13.24 -11.48
CA THR D 177 -21.79 14.29 -12.09
C THR D 177 -21.27 14.68 -13.47
N THR D 178 -22.18 15.17 -14.30
CA THR D 178 -21.84 15.75 -15.60
C THR D 178 -21.00 17.02 -15.40
N VAL D 179 -21.21 17.70 -14.29
CA VAL D 179 -20.51 18.94 -13.96
C VAL D 179 -19.00 18.70 -13.83
N VAL D 180 -18.64 17.59 -13.18
CA VAL D 180 -17.24 17.18 -13.04
C VAL D 180 -16.68 16.66 -14.37
N ALA D 181 -17.51 15.95 -15.12
CA ALA D 181 -17.15 15.53 -16.49
C ALA D 181 -16.73 16.73 -17.34
N ILE D 182 -17.52 17.79 -17.30
CA ILE D 182 -17.23 19.03 -18.04
C ILE D 182 -15.95 19.69 -17.51
N MET D 183 -15.74 19.59 -16.20
CA MET D 183 -14.53 20.12 -15.56
C MET D 183 -13.25 19.41 -16.00
N GLU D 184 -13.35 18.12 -16.31
CA GLU D 184 -12.22 17.38 -16.85
C GLU D 184 -11.97 17.71 -18.31
N LEU D 185 -12.99 18.20 -18.99
CA LEU D 185 -12.86 18.71 -20.35
C LEU D 185 -12.11 20.04 -20.33
N LEU D 186 -12.54 20.93 -19.44
CA LEU D 186 -11.96 22.26 -19.29
C LEU D 186 -10.47 22.22 -18.95
N ASN D 187 -10.09 21.28 -18.08
CA ASN D 187 -8.70 21.16 -17.62
C ASN D 187 -7.83 20.26 -18.49
N GLY D 188 -8.40 19.72 -19.56
CA GLY D 188 -7.66 18.89 -20.51
C GLY D 188 -7.56 17.42 -20.17
N GLY D 189 -8.30 17.00 -19.14
CA GLY D 189 -8.29 15.61 -18.68
C GLY D 189 -8.92 14.66 -19.66
N VAL D 190 -10.01 15.11 -20.28
CA VAL D 190 -10.67 14.35 -21.35
C VAL D 190 -10.70 15.17 -22.65
N ASP D 191 -10.90 14.48 -23.77
CA ASP D 191 -10.92 15.12 -25.08
C ASP D 191 -12.32 15.59 -25.46
N ALA D 192 -13.33 14.89 -24.96
CA ALA D 192 -14.73 15.19 -25.24
C ALA D 192 -15.63 14.75 -24.10
N VAL D 193 -16.79 15.37 -24.01
CA VAL D 193 -17.84 14.96 -23.10
C VAL D 193 -19.07 14.53 -23.90
N ILE D 194 -19.63 13.38 -23.59
CA ILE D 194 -20.93 13.01 -24.16
C ILE D 194 -22.02 13.15 -23.09
N THR D 195 -22.88 14.14 -23.30
CA THR D 195 -24.03 14.38 -22.42
C THR D 195 -25.24 14.89 -23.20
N ASP D 196 -26.37 15.03 -22.51
CA ASP D 196 -27.63 15.46 -23.12
C ASP D 196 -27.53 16.86 -23.73
N ASN D 197 -28.18 17.04 -24.89
CA ASN D 197 -28.08 18.25 -25.70
C ASN D 197 -28.46 19.56 -25.00
N ALA D 198 -29.54 19.54 -24.21
CA ALA D 198 -30.02 20.74 -23.53
C ALA D 198 -29.11 21.18 -22.37
N VAL D 199 -28.35 20.24 -21.84
CA VAL D 199 -27.39 20.52 -20.76
C VAL D 199 -26.10 21.11 -21.33
N ALA D 200 -25.63 20.51 -22.42
CA ALA D 200 -24.45 20.98 -23.13
C ALA D 200 -24.67 22.37 -23.74
N ASN D 201 -25.82 22.56 -24.39
CA ASN D 201 -26.19 23.84 -24.98
C ASN D 201 -26.32 24.95 -23.94
N GLU D 202 -26.90 24.59 -22.79
CA GLU D 202 -27.09 25.52 -21.66
C GLU D 202 -25.76 25.96 -21.06
N TYR D 203 -24.78 25.07 -21.04
CA TYR D 203 -23.45 25.37 -20.51
C TYR D 203 -22.69 26.32 -21.45
N VAL D 204 -22.74 26.03 -22.75
CA VAL D 204 -22.10 26.85 -23.78
C VAL D 204 -22.68 28.27 -23.79
N LYS D 205 -24.00 28.38 -23.59
CA LYS D 205 -24.68 29.67 -23.57
C LYS D 205 -24.34 30.47 -22.30
N ASN D 206 -24.32 29.77 -21.15
CA ASN D 206 -24.02 30.39 -19.86
C ASN D 206 -22.53 30.65 -19.63
N ASN D 207 -21.67 29.93 -20.34
CA ASN D 207 -20.22 30.07 -20.22
C ASN D 207 -19.52 30.26 -21.57
N PRO D 208 -19.62 31.47 -22.16
CA PRO D 208 -18.87 31.75 -23.40
C PRO D 208 -17.37 31.92 -23.14
N ASN D 209 -17.03 32.27 -21.90
CA ASN D 209 -15.64 32.43 -21.47
C ASN D 209 -14.80 31.15 -21.58
N LYS D 210 -15.46 29.99 -21.54
CA LYS D 210 -14.79 28.70 -21.57
C LYS D 210 -14.48 28.25 -22.99
N LYS D 211 -15.12 28.88 -23.98
CA LYS D 211 -14.95 28.59 -25.41
C LYS D 211 -15.13 27.11 -25.74
N LEU D 212 -16.32 26.59 -25.44
CA LEU D 212 -16.69 25.23 -25.78
C LEU D 212 -17.67 25.22 -26.94
N GLN D 213 -17.75 24.10 -27.65
CA GLN D 213 -18.71 23.93 -28.74
C GLN D 213 -19.43 22.58 -28.66
N VAL D 214 -20.69 22.59 -29.06
CA VAL D 214 -21.50 21.38 -29.12
C VAL D 214 -21.45 20.80 -30.53
N ILE D 215 -20.91 19.58 -30.63
CA ILE D 215 -20.90 18.86 -31.89
C ILE D 215 -22.03 17.84 -31.88
N GLU D 216 -23.03 18.09 -32.72
CA GLU D 216 -24.16 17.18 -32.84
C GLU D 216 -23.91 16.16 -33.95
N ASP D 217 -24.33 14.92 -33.68
CA ASP D 217 -24.19 13.84 -34.63
C ASP D 217 -25.48 13.01 -34.63
N PRO D 218 -26.48 13.42 -35.43
CA PRO D 218 -27.76 12.72 -35.54
C PRO D 218 -27.65 11.34 -36.20
N LYS D 219 -26.54 11.13 -36.91
CA LYS D 219 -26.25 9.85 -37.56
C LYS D 219 -25.96 8.78 -36.52
N ASN D 220 -25.27 9.16 -35.45
CA ASN D 220 -24.80 8.22 -34.43
C ASN D 220 -25.55 8.26 -33.09
N PHE D 221 -26.36 9.30 -32.89
CA PHE D 221 -27.13 9.45 -31.64
C PHE D 221 -28.63 9.51 -31.88
N ALA D 222 -29.34 8.51 -31.36
CA ALA D 222 -30.79 8.39 -31.53
C ALA D 222 -31.57 9.30 -30.58
N SER D 223 -32.86 9.45 -30.84
CA SER D 223 -33.74 10.26 -30.00
C SER D 223 -33.95 9.63 -28.63
N GLU D 224 -34.00 10.47 -27.61
CA GLU D 224 -34.22 10.04 -26.22
C GLU D 224 -35.38 10.81 -25.63
N TYR D 225 -36.06 10.22 -24.66
CA TYR D 225 -37.17 10.87 -23.97
C TYR D 225 -37.02 10.77 -22.46
N TYR D 226 -37.27 11.87 -21.76
CA TYR D 226 -37.23 11.87 -20.31
C TYR D 226 -38.56 11.41 -19.72
N GLY D 227 -38.48 10.62 -18.66
CA GLY D 227 -39.66 10.26 -17.90
C GLY D 227 -39.36 10.36 -16.42
N MET D 228 -40.38 10.68 -15.63
CA MET D 228 -40.28 10.60 -14.18
C MET D 228 -40.19 9.13 -13.80
N ILE D 229 -39.32 8.82 -12.86
CA ILE D 229 -39.02 7.43 -12.52
C ILE D 229 -39.68 7.01 -11.20
N PHE D 230 -40.04 5.74 -11.13
CA PHE D 230 -40.68 5.15 -9.96
C PHE D 230 -40.09 3.79 -9.69
N PRO D 231 -40.15 3.31 -8.43
CA PRO D 231 -39.87 1.90 -8.19
C PRO D 231 -40.90 1.06 -8.93
N LYS D 232 -40.52 -0.15 -9.33
CA LYS D 232 -41.38 -1.06 -10.08
C LYS D 232 -42.70 -1.32 -9.33
N ASN D 233 -43.80 -1.28 -10.10
CA ASN D 233 -45.16 -1.45 -9.58
C ASN D 233 -45.62 -0.34 -8.64
N SER D 234 -45.03 0.85 -8.81
CA SER D 234 -45.41 2.00 -8.00
C SER D 234 -46.83 2.46 -8.27
N GLU D 235 -47.53 2.78 -7.20
CA GLU D 235 -48.91 3.29 -7.24
C GLU D 235 -48.96 4.72 -7.76
N LEU D 236 -47.82 5.41 -7.69
CA LEU D 236 -47.72 6.82 -8.06
C LEU D 236 -47.72 7.05 -9.57
N LYS D 237 -47.34 6.03 -10.34
CA LYS D 237 -47.17 6.17 -11.79
C LYS D 237 -48.40 6.75 -12.47
N ALA D 238 -49.54 6.07 -12.31
CA ALA D 238 -50.80 6.47 -12.94
C ALA D 238 -51.29 7.83 -12.47
N LYS D 239 -51.01 8.17 -11.22
CA LYS D 239 -51.34 9.48 -10.64
C LYS D 239 -50.49 10.59 -11.25
N VAL D 240 -49.24 10.28 -11.54
CA VAL D 240 -48.31 11.24 -12.15
C VAL D 240 -48.59 11.37 -13.65
N ASP D 241 -48.92 10.25 -14.30
CA ASP D 241 -49.30 10.24 -15.72
C ASP D 241 -50.52 11.14 -15.99
N GLU D 242 -51.52 11.02 -15.13
CA GLU D 242 -52.76 11.81 -15.25
C GLU D 242 -52.49 13.28 -14.93
N ALA D 243 -51.69 13.52 -13.89
CA ALA D 243 -51.30 14.87 -13.49
C ALA D 243 -50.45 15.58 -14.54
N LEU D 244 -49.58 14.83 -15.22
CA LEU D 244 -48.76 15.38 -16.30
C LEU D 244 -49.62 15.82 -17.48
N LYS D 245 -50.67 15.05 -17.77
CA LYS D 245 -51.62 15.41 -18.82
C LYS D 245 -52.37 16.69 -18.46
N ASN D 246 -52.72 16.84 -17.17
CA ASN D 246 -53.34 18.06 -16.66
C ASN D 246 -52.42 19.27 -16.85
N VAL D 247 -51.13 19.08 -16.58
CA VAL D 247 -50.14 20.15 -16.68
C VAL D 247 -49.91 20.54 -18.15
N ILE D 248 -49.94 19.56 -19.05
CA ILE D 248 -49.80 19.82 -20.48
C ILE D 248 -51.07 20.47 -21.07
N ASN D 249 -52.23 19.91 -20.74
CA ASN D 249 -53.53 20.40 -21.27
C ASN D 249 -53.90 21.80 -20.78
N SER D 250 -53.50 22.14 -19.56
CA SER D 250 -53.79 23.45 -18.99
C SER D 250 -52.92 24.54 -19.61
N GLY D 251 -51.78 24.12 -20.18
CA GLY D 251 -50.82 25.05 -20.75
C GLY D 251 -49.70 25.39 -19.78
N LYS D 252 -49.69 24.73 -18.62
CA LYS D 252 -48.63 24.93 -17.63
C LYS D 252 -47.29 24.38 -18.10
N TYR D 253 -47.29 23.21 -18.75
CA TYR D 253 -46.05 22.62 -19.29
C TYR D 253 -45.35 23.57 -20.26
N THR D 254 -46.09 24.09 -21.24
CA THR D 254 -45.54 25.01 -22.24
C THR D 254 -45.00 26.31 -21.62
N GLU D 255 -45.56 26.70 -20.47
CA GLU D 255 -45.09 27.86 -19.72
C GLU D 255 -43.74 27.62 -19.04
N ILE D 256 -43.59 26.44 -18.45
CA ILE D 256 -42.31 26.03 -17.86
C ILE D 256 -41.28 25.84 -18.96
N TYR D 257 -41.69 25.23 -20.07
CA TYR D 257 -40.83 25.05 -21.23
C TYR D 257 -40.33 26.38 -21.78
N LYS D 258 -41.25 27.33 -21.94
CA LYS D 258 -40.90 28.69 -22.42
C LYS D 258 -39.96 29.41 -21.47
N LYS D 259 -40.16 29.22 -20.17
CA LYS D 259 -39.35 29.84 -19.13
C LYS D 259 -37.88 29.42 -19.20
N TRP D 260 -37.63 28.14 -19.48
CA TRP D 260 -36.29 27.58 -19.42
C TRP D 260 -35.59 27.44 -20.77
N PHE D 261 -36.37 27.42 -21.85
CA PHE D 261 -35.81 27.17 -23.19
C PHE D 261 -36.12 28.26 -24.20
N GLY D 262 -36.91 29.26 -23.80
CA GLY D 262 -37.12 30.48 -24.57
C GLY D 262 -37.86 30.32 -25.89
N LYS D 263 -38.57 29.21 -26.03
CA LYS D 263 -39.29 28.89 -27.25
C LYS D 263 -40.48 27.97 -26.95
N GLU D 264 -41.41 27.87 -27.90
CA GLU D 264 -42.55 26.96 -27.76
C GLU D 264 -42.10 25.51 -27.91
N PRO D 265 -42.63 24.62 -27.06
CA PRO D 265 -42.35 23.18 -27.23
C PRO D 265 -43.12 22.60 -28.41
N LYS D 266 -42.60 21.51 -28.97
CA LYS D 266 -43.34 20.72 -29.94
C LYS D 266 -43.92 19.51 -29.21
N LEU D 267 -45.17 19.66 -28.77
CA LEU D 267 -45.81 18.71 -27.85
C LEU D 267 -46.07 17.31 -28.44
N ASP D 268 -46.05 17.20 -29.77
CA ASP D 268 -46.23 15.91 -30.43
C ASP D 268 -45.05 14.96 -30.20
N ARG D 269 -43.92 15.52 -29.76
CA ARG D 269 -42.75 14.74 -29.36
C ARG D 269 -43.03 13.91 -28.10
N LEU D 270 -44.08 14.29 -27.38
CA LEU D 270 -44.48 13.57 -26.16
C LEU D 270 -45.51 12.47 -26.44
N LYS D 271 -45.82 12.26 -27.72
CA LYS D 271 -46.74 11.21 -28.16
C LYS D 271 -46.09 10.25 -29.17
N GLN D 272 -44.76 10.12 -29.10
CA GLN D 272 -44.03 9.24 -30.01
C GLN D 272 -44.00 7.79 -29.50
S SO4 E . 33.82 -10.79 35.21
O1 SO4 E . 32.36 -10.85 35.17
O2 SO4 E . 34.34 -12.02 35.81
O3 SO4 E . 34.23 -9.65 36.03
O4 SO4 E . 34.35 -10.65 33.86
N HIS F . 32.33 -17.54 18.19
CA HIS F . 31.68 -18.63 17.41
C HIS F . 32.42 -18.94 16.12
O HIS F . 32.19 -19.97 15.50
CB HIS F . 30.20 -18.30 17.14
CG HIS F . 29.97 -17.15 16.19
ND1 HIS F . 28.92 -17.11 15.31
CD2 HIS F . 30.66 -16.01 16.01
CE1 HIS F . 28.97 -15.99 14.62
NE2 HIS F . 30.02 -15.29 15.02
OXT HIS F . 33.29 -18.18 15.68
S SO4 G . -8.81 -11.55 -8.98
O1 SO4 G . -8.99 -12.58 -7.96
O2 SO4 G . -9.85 -10.52 -8.82
O3 SO4 G . -8.91 -12.15 -10.30
O4 SO4 G . -7.49 -10.92 -8.82
S SO4 H . -2.99 -13.52 -6.92
O1 SO4 H . -2.93 -13.02 -5.55
O2 SO4 H . -4.28 -14.17 -7.13
O3 SO4 H . -1.91 -14.48 -7.14
O4 SO4 H . -2.83 -12.40 -7.83
N HIS I . -1.76 -23.36 3.29
CA HIS I . -0.53 -24.18 3.53
C HIS I . -0.78 -25.38 4.43
O HIS I . 0.08 -26.26 4.53
CB HIS I . 0.63 -23.31 4.06
CG HIS I . 0.40 -22.76 5.44
ND1 HIS I . 1.42 -22.60 6.35
CD2 HIS I . -0.72 -22.31 6.05
CE1 HIS I . 0.95 -22.08 7.47
NE2 HIS I . -0.36 -21.90 7.32
OXT HIS I . -1.83 -25.52 5.05
S SO4 J . 4.85 24.48 12.26
O1 SO4 J . 4.27 23.80 11.11
O2 SO4 J . 5.41 23.49 13.18
O3 SO4 J . 3.81 25.24 12.95
O4 SO4 J . 5.90 25.38 11.81
N HIS K . 3.54 17.59 -4.74
CA HIS K . 2.88 16.50 -5.52
C HIS K . 3.61 16.20 -6.83
O HIS K . 3.28 15.25 -7.53
CB HIS K . 1.40 16.82 -5.78
CG HIS K . 1.17 17.97 -6.72
ND1 HIS K . 0.17 17.96 -7.66
CD2 HIS K . 1.81 19.16 -6.85
CE1 HIS K . 0.19 19.10 -8.34
NE2 HIS K . 1.18 19.84 -7.86
OXT HIS K . 4.56 16.90 -7.21
C1 GOL L . 17.72 33.19 -28.39
O1 GOL L . 17.39 31.82 -28.27
C2 GOL L . 18.19 33.71 -27.04
O2 GOL L . 19.33 33.00 -26.62
C3 GOL L . 18.51 35.20 -27.15
O3 GOL L . 17.73 35.92 -26.23
S SO4 M . -37.61 23.51 -32.02
O1 SO4 M . -38.03 22.60 -30.95
O2 SO4 M . -38.66 24.50 -32.25
O3 SO4 M . -37.38 22.76 -33.24
O4 SO4 M . -36.38 24.19 -31.63
N HIS N . -30.62 11.64 -19.67
CA HIS N . -29.41 10.81 -19.39
C HIS N . -29.72 9.63 -18.47
O HIS N . -28.87 8.78 -18.24
CB HIS N . -28.26 11.67 -18.83
CG HIS N . -28.52 12.23 -17.46
ND1 HIS N . -27.52 12.37 -16.52
CD2 HIS N . -29.65 12.67 -16.87
CE1 HIS N . -28.03 12.89 -15.42
NE2 HIS N . -29.31 13.08 -15.60
OXT HIS N . -30.83 9.50 -17.96
C1 GOL O . -39.21 2.21 10.57
O1 GOL O . -40.35 2.74 11.22
C2 GOL O . -39.41 2.23 9.07
O2 GOL O . -38.15 2.21 8.44
C3 GOL O . -40.19 0.98 8.67
O3 GOL O . -41.18 1.28 7.73
#